data_6X9U
#
_entry.id   6X9U
#
loop_
_entity.id
_entity.type
_entity.pdbx_description
1 polymer 'HIV-1 Envelope Glycoprotein BG505 SOSIP.664 gp120'
2 polymer 'HIV-1 Envelope Glycoprotein BG505 SOSIP.664 gp41'
3 polymer 'RM20A3 Fab Heavy Chain'
4 polymer 'RM20A3 Fab Light Chain'
5 branched 2-acetamido-2-deoxy-beta-D-glucopyranose-(1-4)-2-acetamido-2-deoxy-beta-D-glucopyranose
6 branched alpha-D-mannopyranose-(1-3)-beta-D-mannopyranose-(1-4)-2-acetamido-2-deoxy-beta-D-glucopyranose-(1-4)-2-acetamido-2-deoxy-beta-D-glucopyranose
7 non-polymer 2-acetamido-2-deoxy-beta-D-glucopyranose
#
loop_
_entity_poly.entity_id
_entity_poly.type
_entity_poly.pdbx_seq_one_letter_code
_entity_poly.pdbx_strand_id
1 'polypeptide(L)'
;MDAMKRGLCCVLLLCGAVFVSPSQEIHARFRRGARAENLWVTVYYGVPVWKDAETTLFCASDAKAYETEKHNVWATHACV
PTDPNPQEIHLENVTEEFNMWKNNMVEQMHTDIISLWDQSLKPCVKLTPLCVTLQCTNVTNNITDDMRGELKNCSFNMTT
ELRDKKQKVYSLFYRLDVVQINENQGNRSNNSNKEYRLINCNTSAITQACPKVSFEPIPIHYCAPAGFAILKCKDKKFNG
TGPCPSVSTVQCTHGIKPVVSTQLLLNGSLAEEEVMIRSENITNNAKNILVQFNTPVQINCTRPNNNTRKSIRIGPGQAF
YATGDIIGDIRQAHCNVSKATWNETLGKVVKQLRKHFGNNTIIRFANSSGGDLEVTTHSFNCGGEFFYCNTSGLFNSTWI
SNTSVQGSNSTGSNDSITLPCRIKQIINMWQRIGQAMYAPPIQGVIRCVSNITGLILTRDGGSTNSTTETFRPGGGDMRD
NWRSELYKYKVVKIEPLGVAPTRCKRRVVGRRRRRR
;
A
2 'polypeptide(L)'
;AVGIGAVFLGFLGAAGSTMGAASMTLTVQARNLLSGIVQQQSNLLRAPEAQQHLLKLTVWGIKQLQARVLAVERYLRDQQ
LLGIWGCSGKLICCTNVPWNSSWSNRNLSEIWDNMTWLQWDKEISNYTQIIYGLLEESQNQQEKNEQDLLALD
;
B
3 'polypeptide(L)'
;EVQLVETGGGLVQPGGSLKLSCRASGYTFSSFAMSWVRQAPGKGLEWVSLINDRGGLTFYVDSVKGRFTISRDNSKNTLS
LQMHSLRDGDTAVYYCATGGMSSALQSSKYYFDFWGQGALVTVSS
;
H
4 'polypeptide(L)'
;ALTQPPSVSGSPGQSVTISCTGTSSDIGSYNYVSWYQQHPGKAPKLMIYDVTQRPSGVSDRFSGSKSGNTASLTISGLQA
DDEADYYCSAYAGRQTFYIFGGGTRLTVLGQPKASPTVTLFPPSSEEL
;
L
#
loop_
_chem_comp.id
_chem_comp.type
_chem_comp.name
_chem_comp.formula
BMA D-saccharide, beta linking beta-D-mannopyranose 'C6 H12 O6'
MAN D-saccharide, alpha linking alpha-D-mannopyranose 'C6 H12 O6'
NAG D-saccharide, beta linking 2-acetamido-2-deoxy-beta-D-glucopyranose 'C8 H15 N O6'
#
# COMPACT_ATOMS: atom_id res chain seq x y z
N TRP A 40 5.45 -30.46 -2.31
CA TRP A 40 4.58 -29.63 -1.52
C TRP A 40 5.05 -28.20 -1.30
N VAL A 41 6.31 -27.95 -1.01
CA VAL A 41 6.67 -26.54 -0.88
C VAL A 41 6.85 -25.90 -2.25
N THR A 42 6.14 -24.81 -2.50
CA THR A 42 6.28 -24.09 -3.74
C THR A 42 6.70 -22.67 -3.45
N VAL A 43 7.70 -22.22 -4.17
CA VAL A 43 8.27 -20.91 -4.00
C VAL A 43 7.69 -19.91 -4.97
N TYR A 44 7.25 -18.78 -4.47
CA TYR A 44 6.70 -17.72 -5.31
C TYR A 44 7.51 -16.46 -5.16
N TYR A 45 7.75 -15.76 -6.27
CA TYR A 45 8.44 -14.49 -6.23
C TYR A 45 7.60 -13.41 -6.87
N GLY A 46 7.38 -12.31 -6.15
CA GLY A 46 6.55 -11.22 -6.64
C GLY A 46 5.24 -11.15 -5.86
N VAL A 47 5.27 -11.71 -4.67
CA VAL A 47 4.14 -11.75 -3.75
C VAL A 47 3.85 -10.39 -3.11
N PRO A 48 2.60 -9.88 -3.13
CA PRO A 48 2.21 -8.57 -2.63
C PRO A 48 2.13 -8.46 -1.12
N VAL A 49 3.29 -8.56 -0.49
CA VAL A 49 3.49 -8.50 0.95
C VAL A 49 4.44 -7.40 1.37
N TRP A 50 4.13 -6.73 2.46
CA TRP A 50 4.98 -5.69 2.97
C TRP A 50 5.06 -5.62 4.47
N LYS A 51 6.12 -4.96 4.95
CA LYS A 51 6.38 -4.72 6.37
C LYS A 51 6.69 -3.26 6.63
N ASP A 52 6.46 -2.78 7.84
CA ASP A 52 6.79 -1.40 8.15
C ASP A 52 8.28 -1.16 7.97
N ALA A 53 8.67 -0.01 7.42
CA ALA A 53 10.09 0.22 7.27
C ALA A 53 10.49 1.66 7.26
N GLU A 54 11.75 1.91 7.60
CA GLU A 54 12.31 3.24 7.57
C GLU A 54 13.33 3.38 6.47
N THR A 55 13.10 4.28 5.55
CA THR A 55 14.06 4.48 4.48
C THR A 55 14.24 5.93 4.15
N THR A 56 15.08 6.16 3.16
CA THR A 56 15.37 7.48 2.66
C THR A 56 14.49 7.77 1.47
N LEU A 57 13.73 8.85 1.53
CA LEU A 57 12.85 9.18 0.42
C LEU A 57 13.50 10.26 -0.38
N PHE A 58 13.14 10.39 -1.64
CA PHE A 58 13.75 11.46 -2.41
C PHE A 58 12.74 12.52 -2.72
N CYS A 59 13.23 13.71 -2.98
CA CYS A 59 12.36 14.80 -3.32
C CYS A 59 12.17 14.94 -4.77
N ALA A 60 10.97 15.33 -5.13
CA ALA A 60 10.61 15.62 -6.48
C ALA A 60 9.80 16.92 -6.54
N SER A 61 9.85 17.61 -7.66
CA SER A 61 9.07 18.83 -7.82
C SER A 61 8.62 19.09 -9.23
N ASP A 62 7.56 19.87 -9.38
CA ASP A 62 7.10 20.22 -10.71
C ASP A 62 8.17 20.98 -11.46
N HIS A 71 16.59 29.52 -7.49
CA HIS A 71 16.19 30.76 -6.83
C HIS A 71 15.37 30.46 -5.61
N ASN A 72 15.28 29.18 -5.29
CA ASN A 72 14.55 28.73 -4.12
C ASN A 72 15.52 28.52 -2.98
N VAL A 73 14.99 28.55 -1.78
CA VAL A 73 15.76 28.18 -0.61
C VAL A 73 15.91 26.71 -0.56
N TRP A 74 14.82 26.01 -0.84
CA TRP A 74 14.76 24.58 -0.69
C TRP A 74 14.97 23.79 -1.98
N ALA A 75 13.89 23.37 -2.61
CA ALA A 75 14.05 22.58 -3.81
C ALA A 75 14.33 23.41 -5.05
N THR A 76 15.52 23.19 -5.60
CA THR A 76 15.99 23.87 -6.79
C THR A 76 16.35 22.82 -7.81
N HIS A 77 17.63 22.63 -8.05
CA HIS A 77 18.05 21.64 -9.00
C HIS A 77 18.26 20.28 -8.37
N ALA A 78 18.43 20.22 -7.06
CA ALA A 78 18.64 18.94 -6.38
C ALA A 78 17.30 18.36 -6.03
N CYS A 79 16.54 18.04 -7.05
CA CYS A 79 15.19 17.58 -6.90
C CYS A 79 14.73 16.98 -8.24
N VAL A 80 14.11 15.81 -8.17
CA VAL A 80 13.69 15.10 -9.37
C VAL A 80 12.40 15.68 -9.99
N PRO A 81 12.32 15.96 -11.29
CA PRO A 81 11.10 16.42 -11.90
C PRO A 81 9.98 15.43 -11.66
N THR A 82 8.78 15.90 -11.38
CA THR A 82 7.66 15.00 -11.14
C THR A 82 7.04 14.40 -12.37
N ASP A 83 6.28 13.34 -12.12
CA ASP A 83 5.50 12.61 -13.09
C ASP A 83 4.19 13.37 -13.30
N PRO A 84 3.87 13.87 -14.50
CA PRO A 84 2.68 14.65 -14.79
C PRO A 84 1.39 13.86 -14.61
N ASN A 85 1.50 12.53 -14.57
CA ASN A 85 0.34 11.66 -14.41
C ASN A 85 0.65 10.59 -13.35
N PRO A 86 0.79 10.97 -12.07
CA PRO A 86 1.22 10.12 -11.00
C PRO A 86 0.16 9.09 -10.76
N GLN A 87 0.57 7.93 -10.31
CA GLN A 87 -0.36 6.87 -10.06
C GLN A 87 -0.79 6.75 -8.63
N GLU A 88 -2.02 6.27 -8.47
CA GLU A 88 -2.62 5.92 -7.21
C GLU A 88 -3.46 4.68 -7.42
N ILE A 89 -3.22 3.66 -6.60
CA ILE A 89 -3.95 2.42 -6.73
C ILE A 89 -4.75 2.05 -5.51
N HIS A 90 -6.05 1.92 -5.66
CA HIS A 90 -6.86 1.57 -4.51
C HIS A 90 -6.63 0.12 -4.15
N LEU A 91 -6.44 -0.18 -2.87
CA LEU A 91 -6.28 -1.56 -2.48
C LEU A 91 -7.57 -2.10 -1.90
N GLU A 92 -8.22 -3.01 -2.59
CA GLU A 92 -9.48 -3.50 -2.07
C GLU A 92 -9.18 -4.43 -0.92
N ASN A 93 -10.02 -4.43 0.08
CA ASN A 93 -9.91 -5.31 1.24
C ASN A 93 -8.57 -5.22 1.97
N VAL A 94 -8.00 -4.04 2.10
CA VAL A 94 -6.77 -3.91 2.87
C VAL A 94 -6.97 -2.97 4.02
N THR A 95 -6.69 -3.45 5.21
CA THR A 95 -6.77 -2.64 6.41
C THR A 95 -5.36 -2.49 6.87
N GLU A 96 -4.96 -1.27 7.17
CA GLU A 96 -3.57 -1.00 7.54
C GLU A 96 -3.49 -0.09 8.73
N GLU A 97 -2.59 -0.39 9.67
CA GLU A 97 -2.41 0.46 10.84
C GLU A 97 -1.45 1.60 10.59
N PHE A 98 -1.91 2.80 10.90
CA PHE A 98 -1.16 4.03 10.75
C PHE A 98 -0.92 4.66 12.10
N ASN A 99 0.18 5.38 12.25
CA ASN A 99 0.44 6.10 13.49
C ASN A 99 1.22 7.36 13.19
N MET A 100 0.53 8.48 13.13
CA MET A 100 1.16 9.72 12.72
C MET A 100 2.20 10.21 13.70
N TRP A 101 2.20 9.71 14.92
CA TRP A 101 3.09 10.23 15.92
C TRP A 101 4.43 9.52 15.92
N LYS A 102 4.54 8.47 15.12
CA LYS A 102 5.75 7.66 15.04
C LYS A 102 6.19 7.59 13.59
N ASN A 103 5.75 8.55 12.81
CA ASN A 103 5.99 8.57 11.39
C ASN A 103 7.35 9.18 11.06
N ASN A 104 8.26 8.37 10.55
CA ASN A 104 9.62 8.82 10.30
C ASN A 104 9.76 9.73 9.10
N MET A 105 8.69 9.91 8.35
CA MET A 105 8.74 10.82 7.24
C MET A 105 8.82 12.23 7.78
N VAL A 106 8.34 12.43 9.00
CA VAL A 106 8.32 13.75 9.60
C VAL A 106 9.73 14.11 9.98
N GLU A 107 10.45 13.18 10.58
CA GLU A 107 11.82 13.46 10.98
C GLU A 107 12.67 13.72 9.77
N GLN A 108 12.41 12.98 8.70
CA GLN A 108 13.18 13.21 7.52
C GLN A 108 12.94 14.58 6.97
N MET A 109 11.68 15.02 6.89
CA MET A 109 11.42 16.32 6.33
C MET A 109 12.06 17.40 7.14
N HIS A 110 12.02 17.28 8.46
CA HIS A 110 12.61 18.27 9.33
C HIS A 110 14.09 18.39 9.06
N THR A 111 14.78 17.26 9.01
CA THR A 111 16.21 17.29 8.77
C THR A 111 16.52 17.88 7.40
N ASP A 112 15.78 17.50 6.38
CA ASP A 112 16.09 18.01 5.06
C ASP A 112 15.80 19.46 4.86
N ILE A 113 14.74 20.00 5.45
CA ILE A 113 14.52 21.41 5.18
C ILE A 113 15.55 22.24 5.91
N ILE A 114 16.00 21.80 7.09
CA ILE A 114 17.04 22.56 7.76
C ILE A 114 18.33 22.51 6.98
N SER A 115 18.72 21.34 6.47
CA SER A 115 19.94 21.28 5.72
C SER A 115 19.86 22.12 4.47
N LEU A 116 18.73 22.12 3.78
CA LEU A 116 18.63 22.93 2.59
C LEU A 116 18.71 24.38 2.93
N TRP A 117 18.11 24.78 4.04
CA TRP A 117 18.17 26.16 4.45
C TRP A 117 19.60 26.60 4.62
N ASP A 118 20.39 25.83 5.36
CA ASP A 118 21.77 26.23 5.59
C ASP A 118 22.60 26.31 4.33
N GLN A 119 22.37 25.41 3.39
CA GLN A 119 23.13 25.41 2.15
C GLN A 119 22.86 26.66 1.33
N SER A 120 21.73 27.29 1.56
CA SER A 120 21.34 28.46 0.82
C SER A 120 21.88 29.74 1.43
N LEU A 121 22.47 29.65 2.63
CA LEU A 121 23.08 30.81 3.27
C LEU A 121 24.59 30.74 3.20
N LYS A 122 25.12 29.54 3.08
CA LYS A 122 26.56 29.35 3.05
C LYS A 122 27.34 30.27 2.09
N PRO A 123 26.93 30.54 0.84
CA PRO A 123 27.65 31.38 -0.08
C PRO A 123 27.36 32.86 0.03
N CYS A 124 26.58 33.28 1.02
CA CYS A 124 26.15 34.66 1.07
C CYS A 124 27.09 35.51 1.90
N VAL A 125 26.93 36.83 1.82
CA VAL A 125 27.78 37.80 2.52
C VAL A 125 27.73 37.73 4.03
N LYS A 126 28.91 37.71 4.65
CA LYS A 126 28.98 37.69 6.10
C LYS A 126 28.90 39.12 6.57
N LEU A 127 28.25 39.37 7.69
CA LEU A 127 28.15 40.72 8.18
C LEU A 127 28.97 40.99 9.41
N THR A 128 30.02 40.22 9.64
CA THR A 128 30.87 40.46 10.79
C THR A 128 31.23 41.95 10.99
N PRO A 129 31.60 42.72 9.94
CA PRO A 129 31.96 44.12 10.04
C PRO A 129 30.89 45.01 10.62
N LEU A 130 29.65 44.53 10.68
CA LEU A 130 28.53 45.28 11.19
C LEU A 130 28.45 45.20 12.69
N CYS A 131 29.16 44.28 13.32
CA CYS A 131 29.05 44.20 14.76
C CYS A 131 30.01 45.20 15.41
N VAL A 132 29.53 46.44 15.42
CA VAL A 132 30.23 47.64 15.85
C VAL A 132 29.37 48.41 16.82
N THR A 133 29.95 49.40 17.47
CA THR A 133 29.12 50.22 18.34
C THR A 133 28.26 51.11 17.47
N LEU A 134 26.97 51.17 17.75
CA LEU A 134 26.07 52.01 16.98
C LEU A 134 25.70 53.24 17.79
N GLN A 135 25.49 54.36 17.12
CA GLN A 135 25.00 55.58 17.78
C GLN A 135 23.57 55.78 17.36
N CYS A 136 22.61 55.57 18.26
CA CYS A 136 21.24 55.59 17.80
C CYS A 136 20.35 56.60 18.49
N THR A 137 19.40 57.10 17.74
CA THR A 137 18.33 57.95 18.24
C THR A 137 16.99 57.39 17.79
N ASN A 138 15.90 57.94 18.28
CA ASN A 138 14.60 57.43 17.89
C ASN A 138 14.12 58.07 16.61
N VAL A 139 13.34 57.34 15.83
CA VAL A 139 12.75 57.98 14.68
C VAL A 139 11.48 58.61 15.19
N THR A 140 11.36 59.93 15.09
CA THR A 140 10.21 60.66 15.61
C THR A 140 9.41 61.39 14.52
N ASN A 141 9.77 61.17 13.28
CA ASN A 141 9.13 61.86 12.19
C ASN A 141 7.90 61.15 11.65
N ASN A 142 6.74 61.80 11.76
CA ASN A 142 5.49 61.21 11.26
C ASN A 142 5.19 59.83 11.85
N ILE A 143 5.29 59.73 13.16
CA ILE A 143 5.07 58.45 13.83
C ILE A 143 3.73 58.38 14.50
N THR A 144 2.96 57.33 14.23
CA THR A 144 1.70 57.22 14.94
C THR A 144 2.04 56.71 16.35
N ASP A 145 1.14 56.82 17.31
CA ASP A 145 1.52 56.38 18.66
C ASP A 145 1.95 54.93 18.77
N ASP A 146 1.37 54.09 17.95
CA ASP A 146 1.62 52.65 17.96
C ASP A 146 3.07 52.30 17.64
N MET A 147 3.75 53.17 16.92
CA MET A 147 5.11 52.97 16.49
C MET A 147 6.11 53.80 17.24
N ARG A 148 5.70 54.41 18.32
CA ARG A 148 6.62 55.27 19.01
C ARG A 148 7.61 54.44 19.77
N GLY A 149 8.87 54.63 19.44
CA GLY A 149 9.96 53.88 20.06
C GLY A 149 10.28 52.57 19.34
N GLU A 150 9.57 52.27 18.24
CA GLU A 150 9.81 51.02 17.51
C GLU A 150 10.96 51.06 16.53
N LEU A 151 11.27 52.21 15.97
CA LEU A 151 12.35 52.30 15.02
C LEU A 151 13.45 53.15 15.56
N LYS A 152 14.67 52.75 15.28
CA LYS A 152 15.81 53.53 15.69
C LYS A 152 16.72 53.86 14.55
N ASN A 153 17.17 55.09 14.56
CA ASN A 153 18.04 55.64 13.54
C ASN A 153 19.49 55.57 14.00
N CYS A 154 20.26 54.66 13.41
CA CYS A 154 21.60 54.42 13.90
C CYS A 154 22.72 54.72 12.94
N SER A 155 23.77 55.37 13.44
CA SER A 155 24.95 55.63 12.62
C SER A 155 26.12 54.81 13.11
N PHE A 156 27.01 54.48 12.20
CA PHE A 156 28.18 53.69 12.52
C PHE A 156 29.32 53.82 11.55
N ASN A 157 30.50 53.38 11.99
CA ASN A 157 31.69 53.39 11.14
C ASN A 157 31.93 52.04 10.49
N MET A 158 31.64 51.98 9.22
CA MET A 158 31.70 50.78 8.43
C MET A 158 32.94 50.72 7.56
N THR A 159 33.40 49.52 7.29
CA THR A 159 34.53 49.24 6.42
C THR A 159 34.20 49.60 4.96
N THR A 160 35.16 50.18 4.22
CA THR A 160 34.98 50.46 2.78
C THR A 160 35.72 49.41 1.98
N GLU A 161 35.68 49.46 0.65
CA GLU A 161 36.38 48.43 -0.11
C GLU A 161 37.86 48.37 0.22
N LEU A 162 38.46 49.53 0.49
CA LEU A 162 39.88 49.55 0.78
C LEU A 162 40.08 49.44 2.27
N ARG A 163 41.12 48.75 2.67
CA ARG A 163 41.38 48.56 4.10
C ARG A 163 41.84 49.78 4.86
N ASP A 164 42.21 50.80 4.13
CA ASP A 164 42.68 52.02 4.74
C ASP A 164 41.56 52.99 5.02
N LYS A 165 40.36 52.69 4.56
CA LYS A 165 39.33 53.70 4.71
C LYS A 165 38.07 53.16 5.34
N LYS A 166 37.45 54.03 6.13
CA LYS A 166 36.15 53.76 6.75
C LYS A 166 35.16 54.75 6.25
N GLN A 167 33.89 54.42 6.38
CA GLN A 167 32.82 55.31 5.98
C GLN A 167 31.81 55.45 7.08
N LYS A 168 31.22 56.63 7.18
CA LYS A 168 30.17 56.81 8.15
C LYS A 168 28.87 56.64 7.44
N VAL A 169 28.12 55.67 7.87
CA VAL A 169 26.88 55.32 7.25
C VAL A 169 25.79 55.22 8.29
N TYR A 170 24.55 55.22 7.85
CA TYR A 170 23.48 55.03 8.82
C TYR A 170 22.39 54.20 8.21
N SER A 171 21.60 53.60 9.08
CA SER A 171 20.46 52.80 8.69
C SER A 171 19.42 52.73 9.77
N LEU A 172 18.25 52.25 9.40
CA LEU A 172 17.21 52.08 10.41
C LEU A 172 17.13 50.63 10.87
N PHE A 173 16.96 50.47 12.17
CA PHE A 173 16.80 49.15 12.76
C PHE A 173 15.55 49.10 13.57
N TYR A 174 15.00 47.92 13.79
CA TYR A 174 13.83 47.84 14.62
C TYR A 174 14.33 47.75 16.04
N ARG A 175 13.55 48.15 17.02
CA ARG A 175 14.07 48.03 18.37
C ARG A 175 14.41 46.60 18.75
N LEU A 176 13.77 45.61 18.13
CA LEU A 176 14.04 44.22 18.49
C LEU A 176 15.37 43.71 17.95
N ASP A 177 16.02 44.47 17.10
CA ASP A 177 17.27 44.07 16.49
C ASP A 177 18.45 44.58 17.30
N VAL A 178 18.23 45.51 18.24
CA VAL A 178 19.35 46.12 18.95
C VAL A 178 19.25 46.09 20.46
N VAL A 179 20.40 46.21 21.10
CA VAL A 179 20.52 46.25 22.54
C VAL A 179 21.18 47.50 23.03
N GLN A 180 20.56 48.17 23.98
CA GLN A 180 21.19 49.35 24.52
C GLN A 180 22.31 48.89 25.42
N ILE A 181 23.45 49.52 25.32
CA ILE A 181 24.56 49.16 26.16
C ILE A 181 24.96 50.35 27.00
N ASN A 182 25.74 50.14 28.04
CA ASN A 182 26.15 51.26 28.86
C ASN A 182 24.95 52.10 29.26
N SER A 192 26.28 58.13 26.90
CA SER A 192 26.46 56.79 26.34
C SER A 192 25.12 56.11 26.24
N ASN A 193 24.07 56.89 26.45
CA ASN A 193 22.71 56.36 26.42
C ASN A 193 22.24 56.11 25.01
N LYS A 194 23.02 56.55 24.06
CA LYS A 194 22.75 56.36 22.66
C LYS A 194 23.55 55.19 22.11
N GLU A 195 24.34 54.53 22.95
CA GLU A 195 25.14 53.44 22.42
C GLU A 195 24.37 52.12 22.38
N TYR A 196 24.42 51.49 21.22
CA TYR A 196 23.77 50.22 20.94
C TYR A 196 24.64 49.21 20.24
N ARG A 197 24.28 47.96 20.35
CA ARG A 197 24.93 46.92 19.58
C ARG A 197 23.88 46.04 18.97
N LEU A 198 24.19 45.30 17.92
CA LEU A 198 23.17 44.39 17.41
C LEU A 198 22.97 43.28 18.41
N ILE A 199 21.75 42.79 18.47
CA ILE A 199 21.41 41.73 19.41
C ILE A 199 22.25 40.48 19.37
N ASN A 200 22.72 40.05 18.21
CA ASN A 200 23.48 38.82 18.12
C ASN A 200 24.96 38.97 18.43
N CYS A 201 25.42 40.16 18.71
CA CYS A 201 26.85 40.28 18.89
C CYS A 201 27.48 39.51 20.02
N ASN A 202 26.75 39.16 21.07
CA ASN A 202 27.40 38.43 22.13
C ASN A 202 27.13 36.94 22.02
N THR A 203 26.45 36.54 20.96
CA THR A 203 26.08 35.15 20.81
C THR A 203 26.57 34.51 19.54
N SER A 204 26.43 35.17 18.41
CA SER A 204 26.74 34.51 17.17
C SER A 204 27.12 35.35 15.99
N ALA A 205 27.73 34.70 15.02
CA ALA A 205 28.01 35.32 13.75
C ALA A 205 26.72 35.48 13.02
N ILE A 206 26.64 36.51 12.21
CA ILE A 206 25.46 36.75 11.43
C ILE A 206 25.77 36.90 9.95
N THR A 207 24.96 36.28 9.11
CA THR A 207 25.15 36.42 7.67
C THR A 207 23.93 37.02 7.02
N GLN A 208 24.10 37.63 5.87
CA GLN A 208 23.00 38.24 5.13
C GLN A 208 22.44 37.31 4.10
N ALA A 209 21.14 37.12 4.09
CA ALA A 209 20.59 36.23 3.08
C ALA A 209 20.81 36.82 1.71
N CYS A 210 21.10 35.99 0.73
CA CYS A 210 21.29 36.49 -0.61
C CYS A 210 19.95 36.95 -1.17
N PRO A 211 19.79 38.21 -1.59
CA PRO A 211 18.55 38.80 -2.06
C PRO A 211 18.29 38.43 -3.49
N LYS A 212 18.19 37.14 -3.73
CA LYS A 212 17.95 36.60 -5.04
C LYS A 212 17.29 35.28 -4.82
N VAL A 213 17.39 34.81 -3.59
CA VAL A 213 16.81 33.55 -3.23
C VAL A 213 15.55 33.86 -2.46
N SER A 214 14.42 33.42 -2.97
CA SER A 214 13.16 33.73 -2.33
C SER A 214 12.86 32.71 -1.28
N PHE A 215 11.93 33.03 -0.40
CA PHE A 215 11.51 32.14 0.66
C PHE A 215 10.16 31.53 0.39
N GLU A 216 9.71 31.66 -0.84
CA GLU A 216 8.41 31.13 -1.19
C GLU A 216 8.42 29.64 -0.91
N PRO A 217 7.44 29.11 -0.18
CA PRO A 217 7.31 27.73 0.17
C PRO A 217 6.78 26.89 -0.98
N ILE A 218 7.62 26.70 -1.98
CA ILE A 218 7.33 25.92 -3.17
C ILE A 218 7.21 24.47 -2.76
N PRO A 219 6.12 23.75 -3.10
CA PRO A 219 5.83 22.39 -2.68
C PRO A 219 6.77 21.33 -3.15
N ILE A 220 7.02 20.40 -2.25
CA ILE A 220 7.87 19.25 -2.46
C ILE A 220 7.11 17.95 -2.35
N HIS A 221 7.34 17.05 -3.28
CA HIS A 221 6.72 15.74 -3.27
C HIS A 221 7.72 14.72 -2.79
N TYR A 222 7.36 13.85 -1.86
CA TYR A 222 8.31 12.80 -1.48
C TYR A 222 8.00 11.55 -2.22
N CYS A 223 9.02 10.91 -2.73
CA CYS A 223 8.84 9.70 -3.52
C CYS A 223 9.62 8.52 -2.98
N ALA A 224 9.03 7.33 -3.03
CA ALA A 224 9.72 6.15 -2.51
C ALA A 224 10.72 5.57 -3.50
N PRO A 225 11.86 5.03 -3.04
CA PRO A 225 12.84 4.31 -3.80
C PRO A 225 12.29 2.95 -4.16
N ALA A 226 12.82 2.33 -5.18
CA ALA A 226 12.35 1.00 -5.55
C ALA A 226 12.51 0.03 -4.43
N GLY A 227 11.51 -0.83 -4.28
CA GLY A 227 11.48 -1.84 -3.25
C GLY A 227 10.63 -1.38 -2.08
N PHE A 228 10.25 -0.11 -2.09
CA PHE A 228 9.44 0.51 -1.08
C PHE A 228 8.19 1.11 -1.68
N ALA A 229 7.21 1.34 -0.84
CA ALA A 229 5.98 1.96 -1.29
C ALA A 229 5.40 2.86 -0.25
N ILE A 230 4.65 3.86 -0.69
CA ILE A 230 3.97 4.72 0.25
C ILE A 230 2.50 4.43 0.25
N LEU A 231 1.95 4.14 1.42
CA LEU A 231 0.55 3.85 1.52
C LEU A 231 -0.15 5.07 2.05
N LYS A 232 -1.30 5.36 1.50
CA LYS A 232 -2.07 6.52 1.90
C LYS A 232 -3.41 6.16 2.49
N CYS A 233 -3.75 6.74 3.63
CA CYS A 233 -5.05 6.45 4.22
C CYS A 233 -6.08 7.46 3.75
N LYS A 234 -7.12 6.98 3.08
CA LYS A 234 -8.16 7.84 2.52
C LYS A 234 -9.41 7.84 3.36
N ASP A 235 -9.32 7.22 4.50
CA ASP A 235 -10.47 7.10 5.36
C ASP A 235 -10.75 8.45 5.96
N LYS A 236 -11.90 9.00 5.66
CA LYS A 236 -12.25 10.30 6.17
C LYS A 236 -12.48 10.06 7.64
N LYS A 237 -12.25 11.05 8.46
CA LYS A 237 -12.41 10.91 9.90
C LYS A 237 -11.38 9.96 10.50
N PHE A 238 -10.18 10.01 9.95
CA PHE A 238 -9.04 9.28 10.48
C PHE A 238 -8.36 10.20 11.45
N ASN A 239 -8.19 9.73 12.68
CA ASN A 239 -7.69 10.59 13.75
C ASN A 239 -6.20 10.45 14.01
N GLY A 240 -5.49 9.81 13.11
CA GLY A 240 -4.05 9.68 13.22
C GLY A 240 -3.52 8.37 13.75
N THR A 241 -4.33 7.57 14.42
CA THR A 241 -3.84 6.28 14.90
C THR A 241 -4.81 5.16 14.65
N GLY A 242 -4.33 3.94 14.80
CA GLY A 242 -5.20 2.79 14.62
C GLY A 242 -5.32 2.43 13.15
N PRO A 243 -6.08 1.39 12.85
CA PRO A 243 -6.30 0.86 11.53
C PRO A 243 -7.20 1.72 10.72
N CYS A 244 -7.05 1.66 9.42
CA CYS A 244 -8.06 2.26 8.61
C CYS A 244 -8.22 1.42 7.35
N PRO A 245 -9.44 1.36 6.80
CA PRO A 245 -9.82 0.79 5.54
C PRO A 245 -9.50 1.81 4.49
N SER A 246 -9.83 1.56 3.23
CA SER A 246 -9.64 2.58 2.22
C SER A 246 -8.20 3.10 2.13
N VAL A 247 -7.29 2.17 1.91
CA VAL A 247 -5.89 2.45 1.77
C VAL A 247 -5.50 2.35 0.31
N SER A 248 -4.75 3.32 -0.20
CA SER A 248 -4.27 3.27 -1.57
C SER A 248 -2.76 3.38 -1.64
N THR A 249 -2.18 2.89 -2.70
CA THR A 249 -0.73 2.98 -2.87
C THR A 249 -0.39 4.11 -3.80
N VAL A 250 0.56 4.95 -3.42
CA VAL A 250 0.94 6.06 -4.28
C VAL A 250 2.42 6.05 -4.58
N GLN A 251 2.78 6.62 -5.72
CA GLN A 251 4.19 6.74 -6.04
C GLN A 251 4.92 7.77 -5.19
N CYS A 252 4.21 8.86 -4.94
CA CYS A 252 4.74 10.00 -4.23
C CYS A 252 3.64 10.65 -3.43
N THR A 253 4.03 11.49 -2.50
CA THR A 253 3.06 12.24 -1.73
C THR A 253 2.60 13.37 -2.59
N HIS A 254 1.57 14.06 -2.16
CA HIS A 254 1.12 15.22 -2.87
C HIS A 254 2.13 16.28 -2.56
N GLY A 255 2.03 17.44 -3.17
CA GLY A 255 3.04 18.41 -2.83
C GLY A 255 2.74 19.01 -1.49
N ILE A 256 3.76 19.11 -0.66
CA ILE A 256 3.65 19.73 0.63
C ILE A 256 4.46 20.99 0.69
N LYS A 257 3.82 22.08 1.04
CA LYS A 257 4.52 23.34 1.11
C LYS A 257 5.18 23.48 2.47
N PRO A 258 6.48 23.70 2.57
CA PRO A 258 7.22 23.83 3.79
C PRO A 258 7.01 25.20 4.40
N VAL A 259 5.78 25.47 4.80
CA VAL A 259 5.44 26.76 5.37
C VAL A 259 5.82 26.74 6.82
N VAL A 260 6.55 27.74 7.26
CA VAL A 260 6.97 27.82 8.65
C VAL A 260 6.11 28.79 9.41
N SER A 261 5.51 28.34 10.51
CA SER A 261 4.69 29.22 11.32
C SER A 261 4.51 28.71 12.73
N THR A 262 4.03 29.58 13.60
CA THR A 262 3.66 29.17 14.94
C THR A 262 2.21 29.45 15.18
N GLN A 263 1.60 28.71 16.10
CA GLN A 263 0.22 28.87 16.56
C GLN A 263 -0.85 28.59 15.50
N LEU A 264 -0.82 29.34 14.42
CA LEU A 264 -1.76 29.14 13.34
C LEU A 264 -1.01 28.50 12.18
N LEU A 265 -1.60 27.48 11.60
CA LEU A 265 -1.04 26.81 10.45
C LEU A 265 -1.57 27.47 9.22
N LEU A 266 -0.69 27.80 8.29
CA LEU A 266 -1.14 28.51 7.11
C LEU A 266 -0.93 27.72 5.85
N ASN A 267 -1.82 27.94 4.91
CA ASN A 267 -1.76 27.42 3.55
C ASN A 267 -1.58 25.91 3.49
N GLY A 268 -2.23 25.18 4.36
CA GLY A 268 -2.11 23.74 4.36
C GLY A 268 -3.33 23.10 3.76
N SER A 269 -3.48 21.81 3.98
CA SER A 269 -4.63 21.11 3.46
C SER A 269 -5.79 21.19 4.43
N LEU A 270 -6.99 20.96 3.93
CA LEU A 270 -8.21 20.97 4.74
C LEU A 270 -8.79 19.60 4.95
N ALA A 271 -9.53 19.47 6.05
CA ALA A 271 -10.25 18.25 6.37
C ALA A 271 -11.39 18.10 5.38
N GLU A 272 -11.75 16.88 5.04
CA GLU A 272 -12.82 16.65 4.07
C GLU A 272 -14.23 16.96 4.52
N GLU A 273 -14.59 16.63 5.75
CA GLU A 273 -15.97 16.84 6.19
C GLU A 273 -16.19 17.66 7.44
N GLU A 274 -15.31 17.53 8.40
CA GLU A 274 -15.53 18.17 9.68
C GLU A 274 -14.21 18.58 10.28
N VAL A 275 -14.28 19.49 11.23
CA VAL A 275 -13.09 19.91 11.93
C VAL A 275 -12.59 18.75 12.75
N MET A 276 -11.30 18.46 12.67
CA MET A 276 -10.80 17.35 13.44
C MET A 276 -9.75 17.66 14.45
N ILE A 277 -9.88 17.00 15.59
CA ILE A 277 -8.95 17.14 16.68
C ILE A 277 -8.06 15.93 16.73
N ARG A 278 -6.75 16.12 16.65
CA ARG A 278 -5.85 14.98 16.71
C ARG A 278 -4.78 15.23 17.76
N SER A 279 -4.47 14.22 18.54
CA SER A 279 -3.43 14.37 19.55
C SER A 279 -2.81 13.04 19.83
N GLU A 280 -1.59 13.04 20.36
CA GLU A 280 -0.93 11.79 20.72
C GLU A 280 -1.66 11.12 21.85
N ASN A 281 -2.08 11.95 22.78
CA ASN A 281 -2.83 11.52 23.95
C ASN A 281 -3.72 12.67 24.42
N ILE A 282 -4.99 12.58 24.14
CA ILE A 282 -5.91 13.67 24.40
C ILE A 282 -6.09 13.96 25.88
N THR A 283 -5.74 13.01 26.74
CA THR A 283 -5.91 13.21 28.17
C THR A 283 -4.61 13.63 28.83
N ASN A 284 -3.55 13.80 28.05
CA ASN A 284 -2.27 14.20 28.58
C ASN A 284 -2.09 15.69 28.33
N ASN A 285 -2.06 16.50 29.37
CA ASN A 285 -1.99 17.95 29.15
C ASN A 285 -0.61 18.39 28.69
N ALA A 286 0.33 17.47 28.65
CA ALA A 286 1.67 17.76 28.18
C ALA A 286 1.80 17.62 26.67
N LYS A 287 0.74 17.18 25.99
CA LYS A 287 0.80 16.98 24.55
C LYS A 287 0.10 18.09 23.81
N ASN A 288 0.52 18.34 22.58
CA ASN A 288 -0.15 19.34 21.78
C ASN A 288 -1.31 18.75 21.03
N ILE A 289 -2.27 19.59 20.73
CA ILE A 289 -3.44 19.22 19.97
C ILE A 289 -3.41 19.88 18.62
N LEU A 290 -3.54 19.10 17.57
CA LEU A 290 -3.56 19.66 16.24
C LEU A 290 -4.98 19.74 15.78
N VAL A 291 -5.42 20.92 15.38
CA VAL A 291 -6.79 21.08 14.94
C VAL A 291 -6.84 21.38 13.48
N GLN A 292 -7.49 20.53 12.70
CA GLN A 292 -7.56 20.76 11.25
C GLN A 292 -8.93 21.22 10.82
N PHE A 293 -8.97 22.36 10.15
CA PHE A 293 -10.22 22.96 9.74
C PHE A 293 -10.73 22.31 8.47
N ASN A 294 -12.05 22.32 8.26
CA ASN A 294 -12.58 21.81 7.00
C ASN A 294 -12.93 22.95 6.03
N THR A 295 -12.72 24.17 6.49
CA THR A 295 -12.92 25.39 5.72
C THR A 295 -11.78 26.31 6.09
N PRO A 296 -11.25 27.13 5.20
CA PRO A 296 -10.20 28.07 5.48
C PRO A 296 -10.72 29.30 6.18
N VAL A 297 -9.87 29.98 6.92
CA VAL A 297 -10.20 31.30 7.41
C VAL A 297 -9.25 32.26 6.74
N GLN A 298 -9.76 33.24 6.02
CA GLN A 298 -8.84 34.10 5.31
C GLN A 298 -8.25 35.16 6.22
N ILE A 299 -6.93 35.31 6.14
CA ILE A 299 -6.21 36.33 6.90
C ILE A 299 -5.39 37.23 5.97
N ASN A 300 -5.52 38.54 6.14
CA ASN A 300 -4.83 39.52 5.31
C ASN A 300 -3.78 40.31 6.09
N CYS A 301 -2.51 40.13 5.78
CA CYS A 301 -1.47 40.81 6.53
C CYS A 301 -0.75 41.86 5.72
N THR A 302 -0.33 42.92 6.39
CA THR A 302 0.41 43.95 5.70
C THR A 302 1.42 44.71 6.51
N ARG A 303 2.38 45.26 5.80
CA ARG A 303 3.40 46.15 6.33
C ARG A 303 3.34 47.45 5.54
N PRO A 304 2.51 48.40 5.96
CA PRO A 304 2.15 49.60 5.24
C PRO A 304 3.18 50.70 5.34
N ASN A 305 4.42 50.42 4.98
CA ASN A 305 5.49 51.40 5.08
C ASN A 305 6.31 51.35 3.84
N ASN A 306 6.41 52.46 3.16
CA ASN A 306 7.12 52.44 1.89
C ASN A 306 8.62 52.54 2.08
N ASN A 307 9.20 51.43 2.49
CA ASN A 307 10.62 51.41 2.79
C ASN A 307 11.44 51.46 1.54
N THR A 308 12.63 52.04 1.67
CA THR A 308 13.58 52.06 0.60
C THR A 308 14.82 51.30 1.03
N ARG A 309 15.62 50.87 0.08
CA ARG A 309 16.82 50.15 0.39
C ARG A 309 18.04 50.85 -0.14
N LYS A 310 19.14 50.74 0.58
CA LYS A 310 20.39 51.31 0.13
C LYS A 310 21.48 50.26 0.22
N SER A 311 22.40 50.29 -0.72
CA SER A 311 23.48 49.31 -0.72
C SER A 311 24.80 49.90 -0.31
N ILE A 312 25.36 49.36 0.75
CA ILE A 312 26.61 49.81 1.30
C ILE A 312 27.71 48.83 0.98
N ARG A 313 28.72 49.25 0.28
CA ARG A 313 29.78 48.32 -0.02
C ARG A 313 30.58 48.16 1.24
N ILE A 314 30.90 46.92 1.61
CA ILE A 314 31.63 46.70 2.86
C ILE A 314 32.92 45.97 2.64
N GLY A 315 33.29 45.83 1.40
CA GLY A 315 34.49 45.09 1.06
C GLY A 315 34.53 44.82 -0.43
N PRO A 316 35.60 44.23 -0.92
CA PRO A 316 35.84 43.92 -2.30
C PRO A 316 34.92 42.84 -2.81
N GLY A 317 33.75 43.26 -3.24
CA GLY A 317 32.74 42.33 -3.74
C GLY A 317 31.63 41.98 -2.77
N GLN A 318 31.53 42.69 -1.66
CA GLN A 318 30.46 42.40 -0.72
C GLN A 318 29.64 43.63 -0.42
N ALA A 319 28.36 43.44 -0.19
CA ALA A 319 27.53 44.58 0.14
C ALA A 319 26.49 44.22 1.14
N PHE A 320 26.21 45.20 1.95
CA PHE A 320 25.21 45.19 2.98
C PHE A 320 24.00 45.95 2.55
N TYR A 321 22.84 45.36 2.74
CA TYR A 321 21.63 46.07 2.38
C TYR A 321 21.00 46.63 3.60
N ALA A 322 20.95 47.94 3.62
CA ALA A 322 20.47 48.66 4.76
C ALA A 322 19.12 49.25 4.51
N THR A 323 18.36 49.43 5.57
CA THR A 323 17.09 50.10 5.44
C THR A 323 17.35 51.57 5.39
N GLY A 324 16.85 52.23 4.37
CA GLY A 324 17.06 53.64 4.17
C GLY A 324 15.90 54.41 4.75
N ASP A 325 15.72 55.62 4.29
CA ASP A 325 14.65 56.44 4.81
C ASP A 325 13.30 55.85 4.37
N ILE A 326 12.26 56.13 5.13
CA ILE A 326 10.94 55.62 4.80
C ILE A 326 10.08 56.72 4.22
N ILE A 327 9.48 56.44 3.08
CA ILE A 327 8.60 57.37 2.40
C ILE A 327 7.20 57.30 3.00
N GLY A 328 6.62 58.45 3.30
CA GLY A 328 5.28 58.50 3.87
C GLY A 328 5.40 58.40 5.38
N ASP A 329 4.30 58.12 6.06
CA ASP A 329 4.35 58.11 7.51
C ASP A 329 4.65 56.71 8.04
N ILE A 330 4.77 56.58 9.37
CA ILE A 330 5.11 55.28 9.93
C ILE A 330 3.96 54.64 10.67
N ARG A 331 3.62 53.44 10.21
CA ARG A 331 2.50 52.69 10.75
C ARG A 331 2.86 51.27 11.18
N GLN A 332 2.07 50.73 12.08
CA GLN A 332 2.30 49.40 12.56
C GLN A 332 1.77 48.33 11.62
N ALA A 333 2.58 47.27 11.45
CA ALA A 333 2.21 46.11 10.64
C ALA A 333 1.07 45.39 11.34
N HIS A 334 0.18 44.81 10.56
CA HIS A 334 -0.97 44.14 11.14
C HIS A 334 -1.62 43.09 10.26
N CYS A 335 -2.43 42.24 10.89
CA CYS A 335 -3.22 41.25 10.17
C CYS A 335 -4.70 41.31 10.49
N ASN A 336 -5.52 41.20 9.45
CA ASN A 336 -6.98 41.25 9.57
C ASN A 336 -7.66 39.90 9.38
N VAL A 337 -8.42 39.49 10.37
CA VAL A 337 -9.17 38.23 10.34
C VAL A 337 -10.66 38.52 10.41
N SER A 338 -11.45 38.00 9.49
CA SER A 338 -12.87 38.29 9.55
C SER A 338 -13.46 37.77 10.84
N LYS A 339 -14.21 38.60 11.54
CA LYS A 339 -14.72 38.20 12.84
C LYS A 339 -15.78 37.14 12.78
N ALA A 340 -16.73 37.26 11.86
CA ALA A 340 -17.78 36.28 11.81
C ALA A 340 -17.23 34.92 11.44
N THR A 341 -16.27 34.90 10.52
CA THR A 341 -15.70 33.65 10.07
C THR A 341 -14.97 33.00 11.21
N TRP A 342 -14.21 33.79 11.95
CA TRP A 342 -13.48 33.26 13.06
C TRP A 342 -14.45 32.66 14.06
N ASN A 343 -15.56 33.35 14.32
CA ASN A 343 -16.53 32.83 15.27
C ASN A 343 -17.13 31.51 14.81
N GLU A 344 -17.48 31.40 13.53
CA GLU A 344 -18.06 30.14 13.07
C GLU A 344 -17.06 29.01 13.17
N THR A 345 -15.82 29.33 12.85
CA THR A 345 -14.76 28.36 12.85
C THR A 345 -14.51 27.89 14.25
N LEU A 346 -14.47 28.81 15.19
CA LEU A 346 -14.21 28.44 16.55
C LEU A 346 -15.38 27.59 17.04
N GLY A 347 -16.58 27.89 16.53
CA GLY A 347 -17.81 27.15 16.81
C GLY A 347 -17.59 25.69 16.57
N LYS A 348 -17.14 25.40 15.37
CA LYS A 348 -16.89 24.04 14.97
C LYS A 348 -15.80 23.39 15.81
N VAL A 349 -14.75 24.13 16.18
CA VAL A 349 -13.68 23.55 16.97
C VAL A 349 -14.18 23.11 18.33
N VAL A 350 -14.95 23.96 18.98
CA VAL A 350 -15.42 23.59 20.31
C VAL A 350 -16.35 22.42 20.24
N LYS A 351 -17.25 22.40 19.27
CA LYS A 351 -18.16 21.30 19.15
C LYS A 351 -17.43 19.97 19.13
N GLN A 352 -16.27 19.93 18.47
CA GLN A 352 -15.50 18.71 18.41
C GLN A 352 -14.71 18.45 19.68
N LEU A 353 -14.24 19.49 20.36
CA LEU A 353 -13.50 19.27 21.61
C LEU A 353 -14.41 18.62 22.63
N ARG A 354 -15.68 18.96 22.59
CA ARG A 354 -16.64 18.42 23.53
C ARG A 354 -16.71 16.89 23.48
N LYS A 355 -16.37 16.29 22.35
CA LYS A 355 -16.43 14.85 22.25
C LYS A 355 -15.43 14.17 23.15
N HIS A 356 -14.39 14.90 23.56
CA HIS A 356 -13.35 14.34 24.38
C HIS A 356 -13.41 14.89 25.79
N PHE A 357 -13.97 16.10 25.95
CA PHE A 357 -13.99 16.72 27.27
C PHE A 357 -15.34 16.82 27.98
N GLY A 358 -16.45 16.50 27.30
CA GLY A 358 -17.79 16.54 27.88
C GLY A 358 -18.63 17.66 27.28
N ASN A 359 -19.91 17.39 27.02
CA ASN A 359 -20.72 18.41 26.37
C ASN A 359 -21.42 19.30 27.37
N ASN A 360 -21.06 19.15 28.61
CA ASN A 360 -21.54 20.00 29.67
C ASN A 360 -20.36 20.70 30.29
N THR A 361 -19.20 20.65 29.62
CA THR A 361 -17.96 21.24 30.08
C THR A 361 -17.83 22.68 29.59
N ILE A 362 -17.22 23.53 30.40
CA ILE A 362 -16.97 24.86 29.92
C ILE A 362 -15.61 24.88 29.28
N ILE A 363 -15.59 25.28 28.03
CA ILE A 363 -14.38 25.35 27.26
C ILE A 363 -14.03 26.78 27.05
N ARG A 364 -12.86 27.16 27.50
CA ARG A 364 -12.40 28.52 27.41
C ARG A 364 -11.14 28.64 26.58
N PHE A 365 -11.04 29.72 25.83
CA PHE A 365 -9.84 30.00 25.08
C PHE A 365 -9.14 31.16 25.72
N ALA A 366 -7.84 31.08 25.76
CA ALA A 366 -7.04 32.11 26.35
C ALA A 366 -5.83 32.35 25.52
N ASN A 367 -5.22 33.49 25.68
CA ASN A 367 -4.07 33.79 24.87
C ASN A 367 -2.85 33.08 25.41
N SER A 368 -1.74 33.26 24.74
CA SER A 368 -0.57 32.54 25.11
C SER A 368 0.05 32.95 26.43
N SER A 369 0.73 31.98 27.01
CA SER A 369 1.46 32.11 28.24
C SER A 369 2.80 32.72 27.94
N GLY A 370 3.55 33.10 28.97
CA GLY A 370 4.85 33.72 28.73
C GLY A 370 5.86 32.76 28.10
N GLY A 371 6.77 33.33 27.32
CA GLY A 371 7.82 32.61 26.62
C GLY A 371 8.52 33.63 25.75
N ASP A 372 9.34 33.18 24.80
CA ASP A 372 10.03 34.14 23.98
C ASP A 372 9.12 34.67 22.88
N LEU A 373 9.60 35.59 22.05
CA LEU A 373 8.70 36.18 21.07
C LEU A 373 8.26 35.13 20.07
N GLU A 374 9.18 34.24 19.75
CA GLU A 374 9.00 33.18 18.78
C GLU A 374 8.01 32.13 19.24
N VAL A 375 7.65 32.14 20.51
CA VAL A 375 6.76 31.18 21.11
C VAL A 375 5.38 31.78 21.37
N THR A 376 5.36 32.99 21.91
CA THR A 376 4.12 33.57 22.34
C THR A 376 3.34 34.23 21.23
N THR A 377 4.00 34.57 20.13
CA THR A 377 3.35 35.19 18.99
C THR A 377 3.21 34.24 17.82
N HIS A 378 2.45 34.69 16.83
CA HIS A 378 2.27 34.02 15.56
C HIS A 378 3.31 34.46 14.61
N SER A 379 4.29 33.61 14.42
CA SER A 379 5.39 33.93 13.57
C SER A 379 5.17 33.43 12.18
N PHE A 380 5.47 34.25 11.20
CA PHE A 380 5.42 33.81 9.82
C PHE A 380 6.30 34.65 8.94
N ASN A 381 6.66 34.11 7.79
CA ASN A 381 7.45 34.83 6.81
C ASN A 381 6.67 35.14 5.58
N CYS A 382 6.38 36.39 5.33
CA CYS A 382 5.61 36.68 4.14
C CYS A 382 6.08 37.92 3.45
N GLY A 383 6.25 37.82 2.15
CA GLY A 383 6.67 38.93 1.34
C GLY A 383 8.16 39.13 1.47
N GLY A 384 8.81 38.20 2.17
CA GLY A 384 10.23 38.27 2.44
C GLY A 384 10.53 38.84 3.83
N GLU A 385 9.52 39.26 4.60
CA GLU A 385 9.84 39.76 5.94
C GLU A 385 9.22 38.94 7.03
N PHE A 386 9.89 38.93 8.16
CA PHE A 386 9.46 38.14 9.29
C PHE A 386 8.61 38.88 10.29
N PHE A 387 7.37 38.42 10.42
CA PHE A 387 6.33 38.99 11.26
C PHE A 387 6.10 38.21 12.52
N TYR A 388 5.84 38.91 13.60
CA TYR A 388 5.49 38.34 14.91
C TYR A 388 4.19 38.94 15.39
N CYS A 389 3.06 38.29 15.13
CA CYS A 389 1.78 38.90 15.41
C CYS A 389 1.17 38.45 16.71
N ASN A 390 0.49 39.38 17.34
CA ASN A 390 -0.18 39.19 18.62
C ASN A 390 -1.58 38.62 18.43
N THR A 391 -1.76 37.38 18.87
CA THR A 391 -2.97 36.61 18.67
C THR A 391 -3.91 36.64 19.85
N SER A 392 -3.66 37.51 20.80
CA SER A 392 -4.52 37.59 21.96
C SER A 392 -5.91 38.04 21.59
N GLY A 393 -6.06 38.65 20.42
CA GLY A 393 -7.36 39.07 19.96
C GLY A 393 -8.17 37.91 19.36
N LEU A 394 -7.52 36.77 19.12
CA LEU A 394 -8.21 35.62 18.54
C LEU A 394 -8.60 34.60 19.60
N PHE A 395 -7.80 34.52 20.66
CA PHE A 395 -8.04 33.52 21.68
C PHE A 395 -8.39 34.17 23.00
N ASN A 396 -9.61 34.66 23.06
CA ASN A 396 -10.11 35.40 24.20
C ASN A 396 -11.62 35.19 24.32
N SER A 397 -12.02 34.03 24.80
CA SER A 397 -13.45 33.75 24.81
C SER A 397 -13.87 32.62 25.73
N THR A 398 -15.15 32.59 26.05
CA THR A 398 -15.72 31.43 26.75
C THR A 398 -16.59 30.76 25.73
N TRP A 399 -16.38 29.47 25.56
CA TRP A 399 -17.04 28.71 24.54
C TRP A 399 -16.64 29.31 23.22
N ILE A 400 -17.54 29.98 22.54
CA ILE A 400 -17.13 30.49 21.26
C ILE A 400 -16.77 31.94 21.38
N ASP A 415 -16.24 44.23 9.43
CA ASP A 415 -15.84 44.49 10.81
C ASP A 415 -14.35 44.12 10.95
N SER A 416 -14.07 42.86 11.29
CA SER A 416 -12.74 42.24 11.42
C SER A 416 -12.00 42.47 12.73
N ILE A 417 -11.11 41.53 13.00
CA ILE A 417 -10.24 41.55 14.15
C ILE A 417 -8.87 41.97 13.68
N THR A 418 -8.31 43.02 14.28
CA THR A 418 -6.98 43.45 13.85
C THR A 418 -5.94 43.02 14.85
N LEU A 419 -4.93 42.30 14.36
CA LEU A 419 -3.84 41.81 15.17
C LEU A 419 -2.61 42.65 14.88
N PRO A 420 -2.00 43.35 15.84
CA PRO A 420 -0.80 44.14 15.63
C PRO A 420 0.36 43.20 15.47
N CYS A 421 1.36 43.58 14.69
CA CYS A 421 2.55 42.76 14.53
C CYS A 421 3.86 43.50 14.68
N ARG A 422 4.90 42.80 15.10
CA ARG A 422 6.23 43.34 15.15
C ARG A 422 7.05 42.76 14.03
N ILE A 423 8.07 43.48 13.59
CA ILE A 423 8.95 43.03 12.53
C ILE A 423 10.38 42.91 13.01
N LYS A 424 11.07 41.83 12.62
CA LYS A 424 12.49 41.69 12.97
C LYS A 424 13.32 41.51 11.74
N GLN A 425 14.60 41.93 11.78
CA GLN A 425 15.52 41.66 10.68
C GLN A 425 16.52 40.61 11.07
N ILE A 426 16.81 40.47 12.35
CA ILE A 426 17.76 39.45 12.77
C ILE A 426 17.03 38.23 13.27
N ILE A 427 17.17 37.16 12.53
CA ILE A 427 16.41 35.94 12.76
C ILE A 427 17.22 34.74 13.16
N ASN A 428 16.82 34.10 14.25
CA ASN A 428 17.43 32.84 14.67
C ASN A 428 16.45 31.75 14.31
N MET A 429 16.78 30.98 13.29
CA MET A 429 15.86 29.95 12.83
C MET A 429 15.81 28.73 13.70
N TRP A 430 14.63 28.14 13.71
CA TRP A 430 14.28 26.97 14.45
C TRP A 430 14.61 27.23 15.89
N GLN A 431 15.34 26.35 16.52
CA GLN A 431 15.66 26.57 17.91
C GLN A 431 17.15 26.53 18.08
N ARG A 432 17.86 26.92 17.05
CA ARG A 432 19.30 26.88 17.10
C ARG A 432 19.88 28.15 17.63
N ILE A 433 21.03 28.02 18.26
CA ILE A 433 21.81 29.14 18.75
C ILE A 433 23.18 29.09 18.11
N GLY A 434 23.64 30.23 17.57
CA GLY A 434 24.97 30.26 16.97
C GLY A 434 24.96 30.58 15.48
N GLN A 435 23.81 30.52 14.85
CA GLN A 435 23.69 30.80 13.43
C GLN A 435 22.60 31.80 13.13
N ALA A 436 22.91 33.09 13.09
CA ALA A 436 21.86 34.07 12.87
C ALA A 436 21.86 34.53 11.44
N MET A 437 20.71 34.96 10.96
CA MET A 437 20.70 35.57 9.64
C MET A 437 20.06 36.92 9.65
N TYR A 438 20.53 37.76 8.76
CA TYR A 438 19.98 39.06 8.56
C TYR A 438 19.13 39.03 7.33
N ALA A 439 17.88 39.45 7.47
CA ALA A 439 16.97 39.49 6.37
C ALA A 439 17.04 40.87 5.74
N PRO A 440 17.46 41.03 4.48
CA PRO A 440 17.57 42.29 3.83
C PRO A 440 16.18 42.86 3.87
N PRO A 441 16.00 44.16 3.91
CA PRO A 441 14.72 44.81 3.89
C PRO A 441 14.10 44.68 2.53
N ILE A 442 12.78 44.68 2.48
CA ILE A 442 12.09 44.63 1.20
C ILE A 442 11.55 46.00 0.84
N GLN A 443 11.87 46.45 -0.36
CA GLN A 443 11.42 47.76 -0.79
C GLN A 443 9.95 47.75 -1.12
N GLY A 444 9.29 48.85 -0.85
CA GLY A 444 7.89 48.97 -1.18
C GLY A 444 7.03 48.44 -0.06
N VAL A 445 5.75 48.29 -0.34
CA VAL A 445 4.78 47.88 0.65
C VAL A 445 4.41 46.42 0.51
N ILE A 446 4.35 45.69 1.63
CA ILE A 446 4.00 44.26 1.59
C ILE A 446 2.56 43.96 1.92
N ARG A 447 1.94 43.16 1.07
CA ARG A 447 0.59 42.68 1.29
C ARG A 447 0.52 41.18 1.07
N CYS A 448 -0.02 40.46 2.05
CA CYS A 448 -0.14 39.02 2.02
C CYS A 448 -1.53 38.50 2.28
N VAL A 449 -1.99 37.55 1.51
CA VAL A 449 -3.27 36.93 1.80
C VAL A 449 -3.08 35.43 1.91
N SER A 450 -3.49 34.86 3.03
CA SER A 450 -3.31 33.44 3.25
C SER A 450 -4.46 32.76 3.95
N ASN A 451 -4.45 31.44 3.91
CA ASN A 451 -5.51 30.64 4.53
C ASN A 451 -5.10 30.05 5.86
N ILE A 452 -5.88 30.26 6.91
CA ILE A 452 -5.58 29.56 8.15
C ILE A 452 -6.26 28.24 7.96
N THR A 453 -5.52 27.15 8.11
CA THR A 453 -6.08 25.82 7.89
C THR A 453 -6.11 24.95 9.12
N GLY A 454 -5.59 25.47 10.21
CA GLY A 454 -5.56 24.71 11.44
C GLY A 454 -4.83 25.43 12.55
N LEU A 455 -4.96 24.90 13.75
CA LEU A 455 -4.39 25.47 14.95
C LEU A 455 -3.52 24.51 15.73
N ILE A 456 -2.56 25.04 16.46
CA ILE A 456 -1.87 24.21 17.43
C ILE A 456 -2.25 24.69 18.81
N LEU A 457 -2.92 23.84 19.58
CA LEU A 457 -3.37 24.20 20.90
C LEU A 457 -2.73 23.39 21.99
N THR A 458 -2.59 23.99 23.14
CA THR A 458 -2.09 23.32 24.32
C THR A 458 -3.13 23.45 25.40
N ARG A 459 -3.39 22.37 26.12
CA ARG A 459 -4.43 22.40 27.15
C ARG A 459 -3.86 22.69 28.53
N ASP A 460 -4.42 23.71 29.14
CA ASP A 460 -4.10 24.20 30.45
C ASP A 460 -5.03 23.55 31.46
N GLY A 461 -4.46 22.64 32.25
CA GLY A 461 -5.21 21.84 33.20
C GLY A 461 -4.31 21.34 34.31
N SER A 466 -12.59 22.00 38.10
CA SER A 466 -12.48 20.76 37.34
C SER A 466 -13.67 20.63 36.41
N THR A 467 -14.34 21.77 36.22
CA THR A 467 -15.53 21.89 35.38
C THR A 467 -15.23 22.63 34.09
N THR A 468 -13.99 23.04 33.92
CA THR A 468 -13.62 23.78 32.74
C THR A 468 -12.22 23.45 32.27
N GLU A 469 -12.00 23.62 30.99
CA GLU A 469 -10.70 23.40 30.38
C GLU A 469 -10.26 24.65 29.65
N THR A 470 -8.98 25.01 29.72
CA THR A 470 -8.54 26.18 28.99
C THR A 470 -7.56 25.84 27.90
N PHE A 471 -7.82 26.33 26.71
CA PHE A 471 -6.94 26.05 25.60
C PHE A 471 -6.19 27.31 25.24
N ARG A 472 -4.92 27.15 24.99
CA ARG A 472 -4.08 28.27 24.62
C ARG A 472 -3.32 27.92 23.35
N PRO A 473 -2.92 28.86 22.53
CA PRO A 473 -2.06 28.62 21.41
C PRO A 473 -0.75 28.03 21.86
N GLY A 474 -0.22 27.09 21.10
CA GLY A 474 1.07 26.49 21.40
C GLY A 474 1.93 26.48 20.15
N GLY A 475 3.04 25.75 20.17
CA GLY A 475 3.92 25.70 19.02
C GLY A 475 5.37 25.78 19.43
N GLY A 476 6.24 26.05 18.45
CA GLY A 476 7.69 26.16 18.65
C GLY A 476 8.48 24.95 18.18
N ASP A 477 7.79 23.83 17.97
CA ASP A 477 8.45 22.63 17.48
C ASP A 477 7.95 22.37 16.10
N MET A 478 8.79 22.63 15.13
CA MET A 478 8.41 22.58 13.75
C MET A 478 7.94 21.26 13.27
N ARG A 479 8.25 20.20 13.95
CA ARG A 479 7.79 18.94 13.43
C ARG A 479 6.28 18.87 13.47
N ASP A 480 5.64 19.66 14.33
CA ASP A 480 4.21 19.65 14.44
C ASP A 480 3.57 20.26 13.21
N ASN A 481 4.31 21.05 12.43
CA ASN A 481 3.70 21.65 11.27
C ASN A 481 3.76 20.78 10.07
N TRP A 482 4.48 19.66 10.14
CA TRP A 482 4.60 18.77 9.00
C TRP A 482 3.89 17.53 9.30
N ARG A 483 3.79 17.23 10.58
CA ARG A 483 3.09 16.06 10.99
C ARG A 483 1.65 16.18 10.55
N SER A 484 1.13 17.40 10.51
CA SER A 484 -0.22 17.71 10.10
C SER A 484 -0.48 17.50 8.61
N GLU A 485 0.56 17.36 7.78
CA GLU A 485 0.38 17.11 6.35
C GLU A 485 0.73 15.67 5.99
N LEU A 486 1.67 15.09 6.71
CA LEU A 486 2.14 13.75 6.44
C LEU A 486 1.40 12.67 7.21
N TYR A 487 0.36 13.03 7.94
CA TYR A 487 -0.36 12.08 8.75
C TYR A 487 -1.01 10.96 7.96
N LYS A 488 -1.29 11.19 6.68
CA LYS A 488 -1.91 10.19 5.87
C LYS A 488 -0.94 9.21 5.27
N TYR A 489 0.35 9.45 5.37
CA TYR A 489 1.27 8.58 4.65
C TYR A 489 2.11 7.67 5.51
N LYS A 490 2.31 6.46 5.02
CA LYS A 490 3.14 5.47 5.67
C LYS A 490 4.11 4.83 4.69
N VAL A 491 5.34 4.56 5.13
CA VAL A 491 6.28 3.88 4.25
C VAL A 491 6.46 2.42 4.62
N VAL A 492 6.31 1.55 3.63
CA VAL A 492 6.47 0.13 3.85
C VAL A 492 7.50 -0.44 2.90
N LYS A 493 8.05 -1.59 3.26
CA LYS A 493 9.03 -2.32 2.47
C LYS A 493 8.43 -3.54 1.87
N ILE A 494 8.69 -3.76 0.60
CA ILE A 494 8.12 -4.89 -0.11
C ILE A 494 9.00 -6.11 0.04
N GLU A 495 8.37 -7.22 0.39
CA GLU A 495 9.04 -8.49 0.59
C GLU A 495 8.48 -9.55 -0.35
N PRO A 496 8.98 -9.65 -1.59
CA PRO A 496 8.47 -10.43 -2.68
C PRO A 496 8.56 -11.95 -2.60
N LEU A 497 9.38 -12.53 -1.71
CA LEU A 497 9.40 -13.98 -1.63
C LEU A 497 8.46 -14.55 -0.65
N GLY A 498 7.95 -15.70 -0.97
CA GLY A 498 7.17 -16.42 -0.02
C GLY A 498 7.01 -17.84 -0.45
N VAL A 499 6.57 -18.66 0.48
CA VAL A 499 6.40 -20.05 0.23
C VAL A 499 5.03 -20.44 0.69
N ALA A 500 4.47 -21.46 0.07
CA ALA A 500 3.16 -21.95 0.46
C ALA A 500 3.04 -23.37 -0.02
N PRO A 501 2.24 -24.23 0.62
CA PRO A 501 1.98 -25.55 0.16
C PRO A 501 1.16 -25.55 -1.09
N THR A 502 1.54 -26.38 -2.02
CA THR A 502 0.83 -26.60 -3.27
C THR A 502 0.81 -28.07 -3.50
N ARG A 503 0.10 -28.54 -4.48
CA ARG A 503 0.11 -29.96 -4.66
C ARG A 503 0.85 -30.35 -5.91
N CYS A 504 2.16 -30.21 -5.86
CA CYS A 504 3.02 -30.59 -6.97
C CYS A 504 4.40 -30.97 -6.45
N LYS A 505 5.15 -31.67 -7.26
CA LYS A 505 6.54 -31.98 -6.93
C LYS A 505 7.41 -31.74 -8.12
N ARG A 506 8.55 -31.18 -7.88
CA ARG A 506 9.50 -30.95 -8.93
C ARG A 506 9.61 -32.19 -9.81
N PHE B 8 -5.22 -3.85 -15.92
CA PHE B 8 -6.17 -4.02 -14.83
C PHE B 8 -5.64 -3.38 -13.56
N LEU B 9 -5.24 -4.22 -12.62
CA LEU B 9 -4.70 -3.76 -11.37
C LEU B 9 -3.25 -3.43 -11.58
N GLY B 10 -2.74 -2.48 -10.82
CA GLY B 10 -1.32 -2.16 -10.87
C GLY B 10 -0.65 -2.72 -9.64
N PHE B 11 0.46 -2.11 -9.27
CA PHE B 11 1.28 -2.54 -8.16
C PHE B 11 0.51 -2.64 -6.86
N LEU B 12 0.60 -3.82 -6.26
CA LEU B 12 -0.05 -4.22 -5.01
C LEU B 12 -1.55 -4.22 -5.09
N GLY B 13 -2.13 -4.14 -6.26
CA GLY B 13 -3.57 -4.13 -6.37
C GLY B 13 -4.21 -5.40 -5.84
N ALA B 14 -3.49 -6.49 -5.93
CA ALA B 14 -3.97 -7.79 -5.49
C ALA B 14 -3.68 -8.04 -4.03
N ALA B 15 -3.15 -7.07 -3.31
CA ALA B 15 -2.78 -7.29 -1.92
C ALA B 15 -3.93 -7.78 -1.07
N GLY B 16 -5.14 -7.35 -1.33
CA GLY B 16 -6.26 -7.82 -0.52
C GLY B 16 -6.97 -9.05 -1.10
N SER B 17 -6.48 -9.58 -2.21
CA SER B 17 -7.09 -10.71 -2.89
C SER B 17 -6.62 -11.98 -2.25
N THR B 18 -7.30 -13.08 -2.51
CA THR B 18 -6.86 -14.33 -1.93
C THR B 18 -5.58 -14.80 -2.59
N MET B 19 -4.89 -15.71 -1.94
CA MET B 19 -3.61 -16.17 -2.43
C MET B 19 -3.64 -16.74 -3.83
N GLY B 20 -4.70 -17.44 -4.21
CA GLY B 20 -4.75 -17.99 -5.55
C GLY B 20 -5.34 -17.03 -6.57
N ALA B 21 -5.80 -15.86 -6.13
CA ALA B 21 -6.37 -14.86 -7.03
C ALA B 21 -5.24 -13.95 -7.41
N ALA B 22 -4.37 -13.82 -6.45
CA ALA B 22 -3.14 -13.13 -6.53
C ALA B 22 -2.27 -14.19 -7.13
N SER B 23 -0.99 -14.01 -7.16
CA SER B 23 -0.17 -15.02 -7.80
C SER B 23 -0.49 -15.24 -9.26
N MET B 24 -0.93 -14.17 -9.92
CA MET B 24 -1.22 -14.09 -11.33
C MET B 24 -0.71 -12.75 -11.75
N THR B 25 -0.28 -12.02 -10.74
CA THR B 25 0.19 -10.66 -10.77
C THR B 25 1.64 -10.60 -10.32
N LEU B 26 2.32 -11.72 -10.35
CA LEU B 26 3.68 -11.75 -9.85
C LEU B 26 4.62 -10.85 -10.62
N THR B 27 4.36 -10.65 -11.91
CA THR B 27 5.23 -9.79 -12.68
C THR B 27 4.99 -8.33 -12.40
N VAL B 28 3.87 -8.01 -11.77
CA VAL B 28 3.55 -6.65 -11.49
C VAL B 28 4.44 -6.18 -10.39
N GLN B 29 4.55 -6.99 -9.35
CA GLN B 29 5.42 -6.60 -8.26
C GLN B 29 6.87 -6.81 -8.60
N ALA B 30 7.22 -7.86 -9.32
CA ALA B 30 8.62 -8.07 -9.62
C ALA B 30 9.23 -6.91 -10.39
N ARG B 31 8.47 -6.29 -11.27
CA ARG B 31 9.01 -5.21 -12.06
C ARG B 31 9.15 -3.90 -11.32
N ASN B 32 8.66 -3.81 -10.10
CA ASN B 32 8.76 -2.57 -9.34
C ASN B 32 9.87 -2.63 -8.31
N LEU B 33 10.69 -3.66 -8.41
CA LEU B 33 11.81 -3.80 -7.51
C LEU B 33 13.09 -3.36 -8.18
N LEU B 34 13.00 -2.95 -9.44
CA LEU B 34 14.15 -2.64 -10.27
C LEU B 34 15.20 -3.73 -10.15
N LEU B 57 25.76 20.30 -2.50
CA LEU B 57 24.66 19.34 -2.53
C LEU B 57 25.18 17.93 -2.64
N THR B 58 26.46 17.76 -2.34
CA THR B 58 27.10 16.46 -2.45
C THR B 58 26.54 15.49 -1.45
N VAL B 59 26.16 15.97 -0.29
CA VAL B 59 25.61 15.05 0.70
C VAL B 59 24.26 14.53 0.24
N TRP B 60 23.50 15.38 -0.42
CA TRP B 60 22.19 15.01 -0.93
C TRP B 60 22.39 13.90 -1.98
N GLY B 61 23.37 14.11 -2.86
CA GLY B 61 23.68 13.15 -3.90
C GLY B 61 24.09 11.80 -3.32
N ILE B 62 24.83 11.82 -2.21
CA ILE B 62 25.24 10.59 -1.56
C ILE B 62 24.04 9.86 -1.04
N LYS B 63 23.10 10.58 -0.41
CA LYS B 63 21.92 9.90 0.08
C LYS B 63 21.19 9.19 -1.06
N GLN B 64 21.11 9.82 -2.22
CA GLN B 64 20.42 9.13 -3.30
C GLN B 64 21.19 7.95 -3.83
N LEU B 65 22.51 8.02 -3.90
CA LEU B 65 23.20 6.83 -4.34
C LEU B 65 23.01 5.73 -3.35
N GLN B 66 23.01 6.03 -2.06
CA GLN B 66 22.83 4.95 -1.11
C GLN B 66 21.49 4.27 -1.33
N ALA B 67 20.46 5.04 -1.63
CA ALA B 67 19.16 4.44 -1.88
C ALA B 67 19.17 3.51 -3.10
N ARG B 68 19.91 3.90 -4.13
CA ARG B 68 19.95 3.11 -5.35
C ARG B 68 20.81 1.87 -5.19
N VAL B 69 21.91 1.99 -4.47
CA VAL B 69 22.77 0.86 -4.27
C VAL B 69 22.03 -0.16 -3.45
N LEU B 70 21.31 0.28 -2.43
CA LEU B 70 20.57 -0.64 -1.63
C LEU B 70 19.52 -1.37 -2.43
N ALA B 71 18.78 -0.68 -3.30
CA ALA B 71 17.77 -1.40 -4.06
C ALA B 71 18.40 -2.51 -4.87
N VAL B 72 19.58 -2.26 -5.42
CA VAL B 72 20.27 -3.28 -6.19
C VAL B 72 20.71 -4.43 -5.32
N GLU B 73 21.30 -4.14 -4.18
CA GLU B 73 21.75 -5.20 -3.32
C GLU B 73 20.60 -6.06 -2.82
N ARG B 74 19.47 -5.46 -2.49
CA ARG B 74 18.36 -6.27 -2.01
C ARG B 74 17.85 -7.17 -3.11
N TYR B 75 17.78 -6.65 -4.33
CA TYR B 75 17.33 -7.43 -5.45
C TYR B 75 18.22 -8.63 -5.65
N LEU B 76 19.53 -8.41 -5.64
CA LEU B 76 20.43 -9.49 -5.90
C LEU B 76 20.41 -10.52 -4.81
N ARG B 77 20.22 -10.16 -3.54
CA ARG B 77 20.18 -11.19 -2.53
C ARG B 77 19.02 -12.14 -2.76
N ASP B 78 17.86 -11.64 -3.18
CA ASP B 78 16.75 -12.54 -3.44
C ASP B 78 17.03 -13.41 -4.64
N GLN B 79 17.68 -12.87 -5.65
CA GLN B 79 17.96 -13.68 -6.81
C GLN B 79 18.97 -14.76 -6.50
N GLN B 80 19.95 -14.46 -5.66
CA GLN B 80 20.94 -15.45 -5.31
C GLN B 80 20.29 -16.58 -4.58
N LEU B 81 19.36 -16.24 -3.71
CA LEU B 81 18.69 -17.21 -2.91
C LEU B 81 17.85 -18.13 -3.79
N LEU B 82 17.14 -17.58 -4.76
CA LEU B 82 16.37 -18.44 -5.65
C LEU B 82 17.29 -19.34 -6.41
N GLY B 83 18.44 -18.83 -6.80
CA GLY B 83 19.41 -19.61 -7.53
C GLY B 83 19.86 -20.83 -6.76
N ILE B 84 20.26 -20.66 -5.51
CA ILE B 84 20.74 -21.81 -4.75
C ILE B 84 19.63 -22.82 -4.45
N TRP B 85 18.37 -22.42 -4.53
CA TRP B 85 17.25 -23.34 -4.34
C TRP B 85 16.83 -24.02 -5.64
N GLY B 86 17.46 -23.67 -6.76
CA GLY B 86 17.12 -24.22 -8.05
C GLY B 86 15.94 -23.55 -8.74
N CYS B 87 15.64 -22.32 -8.37
CA CYS B 87 14.48 -21.60 -8.92
C CYS B 87 14.90 -20.40 -9.75
N SER B 88 16.10 -20.39 -10.26
CA SER B 88 16.53 -19.24 -11.02
C SER B 88 15.71 -19.05 -12.26
N GLY B 89 15.30 -17.82 -12.51
CA GLY B 89 14.55 -17.49 -13.70
C GLY B 89 13.05 -17.78 -13.63
N LYS B 90 12.56 -18.22 -12.47
CA LYS B 90 11.16 -18.55 -12.35
C LYS B 90 10.42 -17.64 -11.40
N LEU B 91 9.12 -17.48 -11.60
CA LEU B 91 8.32 -16.76 -10.63
C LEU B 91 7.58 -17.75 -9.77
N ILE B 92 7.29 -18.92 -10.33
CA ILE B 92 6.64 -19.99 -9.58
C ILE B 92 7.57 -21.18 -9.68
N CYS B 93 8.04 -21.66 -8.56
CA CYS B 93 8.97 -22.76 -8.58
C CYS B 93 8.56 -23.92 -7.71
N CYS B 94 8.30 -25.03 -8.35
CA CYS B 94 7.83 -26.20 -7.64
C CYS B 94 9.06 -26.99 -7.19
N THR B 95 9.19 -27.23 -5.88
CA THR B 95 10.38 -27.86 -5.31
C THR B 95 10.08 -29.26 -4.87
N ASN B 96 11.06 -29.92 -4.28
CA ASN B 96 10.89 -31.29 -3.82
C ASN B 96 10.93 -31.46 -2.31
N VAL B 97 10.60 -30.40 -1.57
CA VAL B 97 10.56 -30.47 -0.11
C VAL B 97 9.12 -30.65 0.36
N PRO B 98 8.80 -31.67 1.19
CA PRO B 98 7.47 -31.93 1.67
C PRO B 98 7.04 -30.86 2.64
N TRP B 99 5.75 -30.58 2.74
CA TRP B 99 5.25 -29.62 3.69
C TRP B 99 4.97 -30.32 4.98
N ASN B 100 5.48 -29.73 6.07
CA ASN B 100 5.32 -30.25 7.44
C ASN B 100 4.03 -29.67 8.01
N SER B 101 3.13 -30.52 8.50
CA SER B 101 1.87 -30.06 9.04
C SER B 101 2.04 -29.17 10.25
N SER B 102 3.22 -29.19 10.86
CA SER B 102 3.49 -28.36 12.01
C SER B 102 3.71 -26.91 11.60
N TRP B 103 3.97 -26.66 10.32
CA TRP B 103 4.20 -25.29 9.88
C TRP B 103 2.86 -24.59 9.73
N SER B 104 1.89 -25.32 9.18
CA SER B 104 0.53 -24.82 9.02
C SER B 104 -0.44 -25.94 8.74
N ASN B 105 -1.30 -26.24 9.69
CA ASN B 105 -2.22 -27.35 9.52
C ASN B 105 -3.51 -26.94 8.88
N ARG B 106 -3.44 -26.60 7.61
CA ARG B 106 -4.60 -26.15 6.85
C ARG B 106 -4.63 -26.83 5.52
N ASN B 107 -5.83 -26.93 4.93
CA ASN B 107 -5.99 -27.57 3.60
C ASN B 107 -5.93 -26.51 2.51
N LEU B 108 -5.58 -26.92 1.28
CA LEU B 108 -5.41 -26.06 0.15
C LEU B 108 -6.59 -25.14 0.00
N SER B 109 -7.79 -25.61 0.35
CA SER B 109 -8.93 -24.74 0.18
C SER B 109 -8.81 -23.52 1.06
N GLU B 110 -8.42 -23.68 2.31
CA GLU B 110 -8.29 -22.48 3.09
C GLU B 110 -7.11 -21.62 2.66
N ILE B 111 -5.99 -22.23 2.37
CA ILE B 111 -4.85 -21.43 2.05
C ILE B 111 -4.98 -20.68 0.75
N TRP B 112 -5.42 -21.34 -0.30
CA TRP B 112 -5.46 -20.65 -1.56
C TRP B 112 -6.76 -19.91 -1.85
N ASP B 113 -7.89 -20.35 -1.31
CA ASP B 113 -9.15 -19.68 -1.60
C ASP B 113 -9.65 -18.72 -0.52
N ASN B 114 -9.14 -18.80 0.71
CA ASN B 114 -9.69 -17.93 1.78
C ASN B 114 -8.68 -16.87 2.23
N MET B 115 -7.42 -17.28 2.43
CA MET B 115 -6.38 -16.39 2.91
C MET B 115 -5.75 -15.51 1.88
N THR B 116 -5.22 -14.38 2.34
CA THR B 116 -4.42 -13.47 1.52
C THR B 116 -2.95 -13.71 1.80
N TRP B 117 -2.07 -13.15 0.99
CA TRP B 117 -0.64 -13.36 1.23
C TRP B 117 -0.14 -12.65 2.47
N LEU B 118 -0.76 -11.54 2.85
CA LEU B 118 -0.33 -10.84 4.07
C LEU B 118 -0.66 -11.68 5.28
N GLN B 119 -1.83 -12.32 5.29
CA GLN B 119 -2.20 -13.15 6.42
C GLN B 119 -1.32 -14.37 6.52
N TRP B 120 -1.01 -14.95 5.38
CA TRP B 120 -0.17 -16.12 5.32
C TRP B 120 1.21 -15.81 5.83
N ASP B 121 1.76 -14.69 5.42
CA ASP B 121 3.08 -14.37 5.86
C ASP B 121 3.14 -14.31 7.38
N LYS B 122 2.10 -13.79 8.01
CA LYS B 122 2.15 -13.77 9.45
C LYS B 122 2.06 -15.17 10.03
N GLU B 123 1.17 -16.01 9.48
CA GLU B 123 0.96 -17.35 10.00
C GLU B 123 2.20 -18.20 10.05
N ILE B 124 3.05 -18.13 9.05
CA ILE B 124 4.22 -18.98 9.04
C ILE B 124 5.53 -18.25 9.23
N SER B 125 5.52 -17.10 9.85
CA SER B 125 6.75 -16.35 10.00
C SER B 125 7.84 -17.14 10.73
N ASN B 126 7.47 -17.84 11.80
CA ASN B 126 8.43 -18.60 12.64
C ASN B 126 9.05 -19.79 11.92
N TYR B 127 8.60 -20.15 10.71
CA TYR B 127 9.14 -21.31 10.07
C TYR B 127 9.91 -20.95 8.84
N THR B 128 10.00 -19.67 8.53
CA THR B 128 10.64 -19.28 7.29
C THR B 128 12.07 -19.71 7.19
N GLN B 129 12.83 -19.59 8.24
CA GLN B 129 14.23 -19.95 8.13
C GLN B 129 14.42 -21.44 8.05
N ILE B 130 13.52 -22.21 8.63
CA ILE B 130 13.62 -23.65 8.57
C ILE B 130 13.37 -24.08 7.16
N ILE B 131 12.33 -23.52 6.55
CA ILE B 131 11.98 -23.88 5.21
C ILE B 131 13.10 -23.53 4.28
N TYR B 132 13.69 -22.35 4.44
CA TYR B 132 14.76 -21.97 3.56
C TYR B 132 15.94 -22.91 3.68
N GLY B 133 16.28 -23.34 4.89
CA GLY B 133 17.38 -24.27 5.04
C GLY B 133 17.11 -25.59 4.34
N LEU B 134 15.88 -26.08 4.42
CA LEU B 134 15.53 -27.32 3.77
C LEU B 134 15.60 -27.21 2.27
N LEU B 135 15.20 -26.06 1.73
CA LEU B 135 15.26 -25.90 0.29
C LEU B 135 16.67 -25.91 -0.22
N GLU B 136 17.59 -25.28 0.52
CA GLU B 136 19.00 -25.27 0.10
C GLU B 136 19.57 -26.66 0.11
N GLU B 137 19.26 -27.44 1.13
CA GLU B 137 19.80 -28.77 1.21
C GLU B 137 19.24 -29.70 0.16
N SER B 138 17.94 -29.62 -0.15
CA SER B 138 17.48 -30.58 -1.14
C SER B 138 18.08 -30.26 -2.48
N GLN B 139 18.36 -28.98 -2.76
CA GLN B 139 18.99 -28.66 -4.02
C GLN B 139 20.40 -29.15 -4.06
N ASN B 140 21.13 -29.08 -2.95
CA ASN B 140 22.50 -29.57 -3.02
C ASN B 140 22.51 -31.05 -3.34
N GLN B 141 21.57 -31.79 -2.78
CA GLN B 141 21.53 -33.22 -3.02
C GLN B 141 21.15 -33.51 -4.46
N GLN B 142 20.20 -32.76 -4.99
CA GLN B 142 19.78 -32.96 -6.36
C GLN B 142 20.88 -32.64 -7.32
N GLU B 143 21.58 -31.55 -7.07
CA GLU B 143 22.61 -31.09 -7.98
C GLU B 143 23.72 -32.10 -8.06
N LYS B 144 24.08 -32.75 -6.95
CA LYS B 144 25.09 -33.78 -7.01
C LYS B 144 24.55 -35.02 -7.72
N ASN B 145 23.31 -35.44 -7.48
CA ASN B 145 22.82 -36.66 -8.14
C ASN B 145 22.85 -36.50 -9.64
N GLU B 146 22.58 -35.31 -10.12
CA GLU B 146 22.57 -35.02 -11.54
C GLU B 146 23.95 -35.05 -12.15
N GLN B 147 24.99 -34.96 -11.34
CA GLN B 147 26.34 -35.00 -11.85
C GLN B 147 26.69 -36.44 -12.00
N ASP B 148 26.29 -37.25 -11.03
CA ASP B 148 26.63 -38.66 -11.05
C ASP B 148 25.96 -39.39 -12.22
N LEU B 149 24.79 -38.92 -12.64
CA LEU B 149 24.08 -39.51 -13.76
C LEU B 149 24.62 -39.13 -15.12
N LEU B 150 25.57 -38.21 -15.18
CA LEU B 150 26.12 -37.81 -16.46
C LEU B 150 27.47 -38.43 -16.65
N GLU C 1 -27.94 -28.91 -7.38
CA GLU C 1 -28.22 -29.48 -8.69
C GLU C 1 -27.54 -28.72 -9.80
N VAL C 2 -26.85 -29.46 -10.64
CA VAL C 2 -26.18 -28.88 -11.78
C VAL C 2 -26.62 -29.64 -12.99
N GLN C 3 -26.45 -29.05 -14.15
CA GLN C 3 -26.81 -29.71 -15.38
C GLN C 3 -25.72 -29.67 -16.39
N LEU C 4 -25.65 -30.75 -17.16
CA LEU C 4 -24.78 -30.84 -18.30
C LEU C 4 -25.64 -31.35 -19.41
N VAL C 5 -25.75 -30.60 -20.48
CA VAL C 5 -26.62 -31.02 -21.55
C VAL C 5 -25.93 -31.24 -22.86
N GLU C 6 -25.80 -32.50 -23.25
CA GLU C 6 -25.15 -32.79 -24.50
C GLU C 6 -26.07 -32.54 -25.66
N THR C 7 -25.53 -31.96 -26.70
CA THR C 7 -26.24 -31.75 -27.94
C THR C 7 -25.34 -32.18 -29.07
N GLY C 8 -25.90 -32.32 -30.26
CA GLY C 8 -25.08 -32.68 -31.42
C GLY C 8 -25.76 -33.77 -32.19
N GLY C 9 -25.35 -33.96 -33.43
CA GLY C 9 -25.97 -34.98 -34.28
C GLY C 9 -25.63 -36.37 -33.84
N GLY C 10 -26.48 -37.32 -34.20
CA GLY C 10 -26.27 -38.72 -33.85
C GLY C 10 -26.01 -39.67 -35.01
N LEU C 11 -25.84 -39.16 -36.22
CA LEU C 11 -25.61 -40.08 -37.34
C LEU C 11 -24.76 -39.51 -38.43
N VAL C 12 -23.64 -40.15 -38.62
CA VAL C 12 -22.66 -39.78 -39.61
C VAL C 12 -22.11 -40.95 -40.39
N GLN C 13 -21.51 -40.63 -41.53
CA GLN C 13 -20.85 -41.65 -42.32
C GLN C 13 -19.43 -41.79 -41.83
N PRO C 14 -18.81 -42.96 -41.95
CA PRO C 14 -17.43 -43.19 -41.63
C PRO C 14 -16.65 -42.37 -42.60
N GLY C 15 -15.53 -41.85 -42.17
CA GLY C 15 -14.71 -41.03 -43.04
C GLY C 15 -15.09 -39.55 -42.93
N GLY C 16 -16.16 -39.24 -42.18
CA GLY C 16 -16.62 -37.87 -42.04
C GLY C 16 -16.13 -37.19 -40.76
N SER C 17 -17.00 -36.35 -40.19
CA SER C 17 -16.69 -35.59 -38.99
C SER C 17 -17.98 -35.34 -38.22
N LEU C 18 -17.85 -35.05 -36.95
CA LEU C 18 -19.00 -34.74 -36.11
C LEU C 18 -18.67 -33.86 -34.93
N LYS C 19 -19.41 -32.79 -34.72
CA LYS C 19 -19.14 -32.00 -33.55
C LYS C 19 -20.21 -32.16 -32.49
N LEU C 20 -19.79 -32.49 -31.28
CA LEU C 20 -20.69 -32.58 -30.15
C LEU C 20 -20.43 -31.40 -29.25
N SER C 21 -21.41 -31.02 -28.48
CA SER C 21 -21.19 -29.96 -27.51
C SER C 21 -21.94 -30.22 -26.24
N CYS C 22 -21.55 -29.52 -25.19
CA CYS C 22 -22.17 -29.69 -23.90
C CYS C 22 -22.30 -28.40 -23.13
N ARG C 23 -23.54 -27.99 -22.89
CA ARG C 23 -23.81 -26.75 -22.17
C ARG C 23 -23.90 -27.04 -20.69
N ALA C 24 -23.23 -26.24 -19.88
CA ALA C 24 -23.26 -26.46 -18.46
C ALA C 24 -23.93 -25.34 -17.70
N SER C 25 -24.55 -25.68 -16.57
CA SER C 25 -25.12 -24.68 -15.69
C SER C 25 -25.19 -25.15 -14.24
N GLY C 26 -25.34 -24.19 -13.32
CA GLY C 26 -25.54 -24.49 -11.89
C GLY C 26 -24.27 -24.55 -11.03
N TYR C 27 -23.12 -24.31 -11.64
CA TYR C 27 -21.85 -24.35 -10.94
C TYR C 27 -20.90 -23.44 -11.66
N THR C 28 -19.77 -23.10 -11.05
CA THR C 28 -18.85 -22.28 -11.77
C THR C 28 -18.14 -23.17 -12.76
N PHE C 29 -18.40 -22.96 -14.03
CA PHE C 29 -17.87 -23.80 -15.08
C PHE C 29 -16.38 -23.76 -15.07
N SER C 30 -15.86 -22.56 -14.97
CA SER C 30 -14.44 -22.26 -15.02
C SER C 30 -13.64 -22.82 -13.86
N SER C 31 -14.29 -23.36 -12.83
CA SER C 31 -13.54 -23.92 -11.72
C SER C 31 -13.27 -25.42 -11.89
N PHE C 32 -13.87 -26.05 -12.89
CA PHE C 32 -13.71 -27.50 -13.00
C PHE C 32 -13.09 -28.02 -14.27
N ALA C 33 -12.33 -29.07 -14.12
CA ALA C 33 -11.82 -29.82 -15.27
C ALA C 33 -12.96 -30.66 -15.79
N MET C 34 -12.93 -30.99 -17.08
CA MET C 34 -14.01 -31.80 -17.65
C MET C 34 -13.53 -32.87 -18.61
N SER C 35 -14.37 -33.87 -18.84
CA SER C 35 -14.00 -34.97 -19.72
C SER C 35 -15.14 -35.58 -20.48
N TRP C 36 -14.79 -36.42 -21.46
CA TRP C 36 -15.80 -37.20 -22.19
C TRP C 36 -15.54 -38.67 -21.99
N VAL C 37 -16.63 -39.39 -21.75
CA VAL C 37 -16.64 -40.83 -21.54
C VAL C 37 -17.63 -41.52 -22.47
N ARG C 38 -17.20 -42.57 -23.15
CA ARG C 38 -18.10 -43.29 -24.06
C ARG C 38 -18.72 -44.50 -23.46
N GLN C 39 -19.93 -44.79 -23.83
CA GLN C 39 -20.53 -46.06 -23.49
C GLN C 39 -20.88 -46.81 -24.73
N ALA C 40 -20.26 -47.95 -24.92
CA ALA C 40 -20.54 -48.69 -26.14
C ALA C 40 -22.00 -49.09 -26.06
N PRO C 41 -22.75 -49.20 -27.17
CA PRO C 41 -24.15 -49.56 -27.15
C PRO C 41 -24.45 -50.78 -26.30
N GLY C 42 -23.55 -51.77 -26.29
CA GLY C 42 -23.77 -52.96 -25.50
C GLY C 42 -22.73 -53.23 -24.40
N LYS C 43 -21.83 -52.27 -24.09
CA LYS C 43 -20.82 -52.61 -23.09
C LYS C 43 -20.66 -51.57 -21.98
N GLY C 44 -19.40 -51.36 -21.54
CA GLY C 44 -19.11 -50.48 -20.44
C GLY C 44 -18.65 -49.10 -20.86
N LEU C 45 -18.03 -48.43 -19.91
CA LEU C 45 -17.58 -47.06 -20.07
C LEU C 45 -16.12 -47.01 -20.49
N GLU C 46 -15.78 -46.04 -21.33
CA GLU C 46 -14.40 -45.82 -21.73
C GLU C 46 -14.02 -44.34 -21.67
N TRP C 47 -12.88 -44.01 -21.09
CA TRP C 47 -12.48 -42.62 -21.08
C TRP C 47 -11.93 -42.22 -22.44
N VAL C 48 -12.33 -41.05 -22.95
CA VAL C 48 -11.83 -40.59 -24.22
C VAL C 48 -10.91 -39.40 -24.15
N SER C 49 -11.37 -38.36 -23.46
CA SER C 49 -10.58 -37.14 -23.39
C SER C 49 -10.80 -36.35 -22.13
N LEU C 50 -9.82 -35.51 -21.81
CA LEU C 50 -9.81 -34.64 -20.62
C LEU C 50 -9.26 -33.26 -20.90
N ILE C 51 -9.95 -32.23 -20.41
CA ILE C 51 -9.48 -30.87 -20.57
C ILE C 51 -9.42 -30.11 -19.24
N ASN C 52 -8.41 -29.27 -19.12
CA ASN C 52 -8.18 -28.46 -17.92
C ASN C 52 -9.19 -27.36 -17.79
N ASP C 53 -9.34 -26.84 -16.58
CA ASP C 53 -10.31 -25.80 -16.29
C ASP C 53 -10.09 -24.52 -17.09
N ARG C 54 -8.85 -24.22 -17.39
CA ARG C 54 -8.48 -23.06 -18.17
C ARG C 54 -8.42 -23.33 -19.67
N GLY C 55 -8.60 -24.58 -20.07
CA GLY C 55 -8.58 -24.98 -21.48
C GLY C 55 -7.20 -25.21 -22.10
N GLY C 56 -6.13 -25.00 -21.34
CA GLY C 56 -4.77 -25.13 -21.87
C GLY C 56 -4.20 -26.54 -22.03
N LEU C 57 -4.66 -27.48 -21.24
CA LEU C 57 -4.10 -28.81 -21.30
C LEU C 57 -5.16 -29.78 -21.71
N THR C 58 -4.83 -30.60 -22.69
CA THR C 58 -5.74 -31.62 -23.16
C THR C 58 -5.08 -32.95 -23.20
N PHE C 59 -5.83 -34.00 -22.89
CA PHE C 59 -5.31 -35.35 -22.93
C PHE C 59 -6.28 -36.25 -23.66
N TYR C 60 -5.77 -37.24 -24.38
CA TYR C 60 -6.62 -38.18 -25.11
C TYR C 60 -6.21 -39.61 -24.92
N VAL C 61 -7.16 -40.51 -25.07
CA VAL C 61 -6.90 -41.93 -25.12
C VAL C 61 -6.28 -42.23 -26.46
N ASP C 62 -5.33 -43.15 -26.51
CA ASP C 62 -4.63 -43.45 -27.76
C ASP C 62 -5.51 -43.72 -28.96
N SER C 63 -6.63 -44.39 -28.78
CA SER C 63 -7.47 -44.74 -29.92
C SER C 63 -8.09 -43.58 -30.70
N VAL C 64 -8.12 -42.37 -30.13
CA VAL C 64 -8.67 -41.21 -30.82
C VAL C 64 -7.62 -40.11 -30.89
N LYS C 65 -6.41 -40.42 -30.47
CA LYS C 65 -5.42 -39.38 -30.28
C LYS C 65 -5.11 -38.55 -31.50
N GLY C 66 -5.12 -39.15 -32.66
CA GLY C 66 -4.84 -38.38 -33.86
C GLY C 66 -6.11 -37.94 -34.56
N ARG C 67 -7.27 -38.14 -33.93
CA ARG C 67 -8.52 -37.86 -34.61
C ARG C 67 -9.41 -36.84 -33.91
N PHE C 68 -9.45 -36.86 -32.57
CA PHE C 68 -10.39 -36.01 -31.84
C PHE C 68 -9.75 -34.78 -31.22
N THR C 69 -10.51 -33.69 -31.15
CA THR C 69 -10.09 -32.51 -30.42
C THR C 69 -11.08 -32.10 -29.34
N ILE C 70 -10.58 -31.88 -28.13
CA ILE C 70 -11.43 -31.44 -27.03
C ILE C 70 -11.17 -29.99 -26.83
N SER C 71 -12.22 -29.21 -26.70
CA SER C 71 -12.08 -27.79 -26.54
C SER C 71 -13.08 -27.21 -25.57
N ARG C 72 -12.69 -26.09 -24.98
CA ARG C 72 -13.51 -25.44 -23.98
C ARG C 72 -13.58 -23.93 -24.12
N ASP C 73 -14.75 -23.38 -23.84
CA ASP C 73 -14.95 -21.95 -23.83
C ASP C 73 -15.68 -21.52 -22.56
N ASN C 74 -14.93 -20.93 -21.66
CA ASN C 74 -15.44 -20.61 -20.34
C ASN C 74 -16.37 -19.42 -20.32
N SER C 75 -16.49 -18.70 -21.43
CA SER C 75 -17.38 -17.55 -21.44
C SER C 75 -18.81 -17.94 -21.75
N LYS C 76 -19.01 -19.12 -22.35
CA LYS C 76 -20.34 -19.57 -22.74
C LYS C 76 -20.77 -20.79 -21.96
N ASN C 77 -19.93 -21.20 -21.04
CA ASN C 77 -20.10 -22.42 -20.28
C ASN C 77 -20.24 -23.64 -21.16
N THR C 78 -19.39 -23.77 -22.20
CA THR C 78 -19.51 -24.96 -23.03
C THR C 78 -18.25 -25.76 -23.29
N LEU C 79 -18.47 -27.05 -23.50
CA LEU C 79 -17.47 -27.97 -24.02
C LEU C 79 -17.81 -28.34 -25.42
N SER C 80 -16.80 -28.76 -26.14
CA SER C 80 -17.04 -29.34 -27.42
C SER C 80 -16.07 -30.45 -27.66
N LEU C 81 -16.49 -31.37 -28.51
CA LEU C 81 -15.63 -32.45 -28.94
C LEU C 81 -15.77 -32.57 -30.42
N GLN C 82 -14.68 -32.38 -31.12
CA GLN C 82 -14.72 -32.44 -32.56
C GLN C 82 -14.13 -33.72 -33.05
N MET C 83 -14.96 -34.55 -33.64
CA MET C 83 -14.55 -35.83 -34.12
C MET C 83 -14.21 -35.70 -35.59
N HIS C 84 -13.21 -36.43 -36.03
CA HIS C 84 -12.83 -36.48 -37.43
C HIS C 84 -12.54 -37.92 -37.79
N SER C 85 -12.67 -38.23 -39.07
CA SER C 85 -12.35 -39.52 -39.67
C SER C 85 -13.42 -40.53 -39.34
N LEU C 86 -13.67 -40.76 -38.07
CA LEU C 86 -14.76 -41.60 -37.59
C LEU C 86 -14.70 -43.05 -38.04
N ARG C 87 -14.86 -43.93 -37.10
CA ARG C 87 -14.83 -45.35 -37.36
C ARG C 87 -16.09 -45.99 -36.83
N ASP C 88 -16.42 -47.19 -37.29
CA ASP C 88 -17.61 -47.87 -36.82
C ASP C 88 -17.50 -48.17 -35.32
N GLY C 89 -16.26 -48.35 -34.89
CA GLY C 89 -15.90 -48.63 -33.53
C GLY C 89 -16.13 -47.43 -32.59
N ASP C 90 -16.44 -46.26 -33.14
CA ASP C 90 -16.68 -45.09 -32.33
C ASP C 90 -18.16 -44.93 -32.00
N THR C 91 -19.00 -45.86 -32.44
CA THR C 91 -20.41 -45.73 -32.10
C THR C 91 -20.54 -45.91 -30.61
N ALA C 92 -21.18 -44.95 -29.97
CA ALA C 92 -21.34 -44.98 -28.52
C ALA C 92 -22.21 -43.86 -28.02
N VAL C 93 -22.60 -43.94 -26.78
CA VAL C 93 -23.17 -42.79 -26.14
C VAL C 93 -22.03 -41.97 -25.56
N TYR C 94 -21.99 -40.69 -25.86
CA TYR C 94 -20.93 -39.83 -25.38
C TYR C 94 -21.40 -38.95 -24.26
N TYR C 95 -20.84 -39.16 -23.08
CA TYR C 95 -21.26 -38.41 -21.93
C TYR C 95 -20.31 -37.29 -21.62
N CYS C 96 -20.89 -36.17 -21.26
CA CYS C 96 -20.20 -35.00 -20.80
C CYS C 96 -20.07 -35.17 -19.29
N ALA C 97 -18.88 -35.01 -18.75
CA ALA C 97 -18.76 -35.17 -17.30
C ALA C 97 -17.82 -34.16 -16.69
N THR C 98 -18.09 -33.83 -15.44
CA THR C 98 -17.30 -32.88 -14.68
C THR C 98 -16.42 -33.60 -13.69
N GLY C 99 -15.13 -33.30 -13.74
CA GLY C 99 -14.15 -33.94 -12.88
C GLY C 99 -12.92 -34.33 -13.66
N GLY C 100 -12.35 -35.47 -13.33
CA GLY C 100 -11.23 -36.00 -14.06
C GLY C 100 -9.86 -35.54 -13.60
N MET C 101 -9.62 -34.24 -13.57
CA MET C 101 -8.29 -33.84 -13.13
C MET C 101 -8.27 -33.07 -11.81
N SER C 102 -7.69 -31.87 -11.85
CA SER C 102 -7.52 -30.99 -10.70
C SER C 102 -6.90 -29.71 -11.20
N SER C 103 -6.74 -28.73 -10.31
CA SER C 103 -6.04 -27.47 -10.60
C SER C 103 -4.65 -27.27 -9.95
N ALA C 104 -4.17 -28.26 -9.21
CA ALA C 104 -2.87 -28.29 -8.49
C ALA C 104 -2.66 -27.24 -7.42
N LEU C 105 -3.70 -26.52 -7.08
CA LEU C 105 -3.59 -25.50 -6.08
C LEU C 105 -4.79 -25.72 -5.20
N GLN C 106 -5.51 -26.78 -5.54
CA GLN C 106 -6.73 -27.26 -4.92
C GLN C 106 -6.66 -28.76 -4.74
N SER C 107 -7.49 -29.30 -3.86
CA SER C 107 -7.54 -30.73 -3.64
C SER C 107 -7.86 -31.41 -4.92
N SER C 108 -7.26 -32.58 -5.10
CA SER C 108 -7.41 -33.35 -6.30
C SER C 108 -8.72 -34.03 -6.42
N LYS C 109 -9.08 -34.40 -7.64
CA LYS C 109 -10.25 -35.22 -7.81
C LYS C 109 -9.89 -36.58 -8.31
N TYR C 110 -9.50 -36.65 -9.55
CA TYR C 110 -9.26 -37.94 -10.18
C TYR C 110 -10.48 -38.88 -10.15
N TYR C 111 -11.67 -38.32 -10.30
CA TYR C 111 -12.92 -39.06 -10.33
C TYR C 111 -13.91 -38.18 -11.05
N PHE C 112 -15.09 -38.68 -11.43
CA PHE C 112 -16.04 -37.79 -12.10
C PHE C 112 -17.22 -37.48 -11.17
N ASP C 113 -17.51 -36.19 -10.92
CA ASP C 113 -18.60 -35.81 -10.00
C ASP C 113 -19.96 -35.74 -10.65
N PHE C 114 -20.01 -35.22 -11.87
CA PHE C 114 -21.32 -35.03 -12.49
C PHE C 114 -21.32 -35.55 -13.88
N TRP C 115 -22.45 -36.07 -14.30
CA TRP C 115 -22.61 -36.59 -15.63
C TRP C 115 -23.81 -35.95 -16.31
N GLY C 116 -23.72 -35.82 -17.63
CA GLY C 116 -24.84 -35.34 -18.45
C GLY C 116 -25.68 -36.54 -18.82
N GLN C 117 -26.52 -36.43 -19.86
CA GLN C 117 -27.40 -37.55 -20.17
C GLN C 117 -26.83 -38.44 -21.24
N GLY C 118 -26.00 -37.86 -22.07
CA GLY C 118 -25.31 -38.58 -23.13
C GLY C 118 -25.89 -38.40 -24.53
N ALA C 119 -25.01 -38.08 -25.48
CA ALA C 119 -25.43 -37.92 -26.86
C ALA C 119 -25.23 -39.25 -27.54
N LEU C 120 -26.13 -39.67 -28.40
CA LEU C 120 -25.87 -40.93 -29.07
C LEU C 120 -25.34 -40.74 -30.44
N VAL C 121 -24.17 -41.30 -30.70
CA VAL C 121 -23.55 -41.17 -32.00
C VAL C 121 -23.36 -42.48 -32.71
N THR C 122 -23.92 -42.55 -33.92
CA THR C 122 -23.79 -43.71 -34.78
C THR C 122 -22.96 -43.43 -36.00
N VAL C 123 -22.00 -44.31 -36.26
CA VAL C 123 -21.21 -44.20 -37.46
C VAL C 123 -21.66 -45.33 -38.37
N SER C 124 -22.13 -44.96 -39.56
CA SER C 124 -22.70 -45.91 -40.52
C SER C 124 -21.66 -46.65 -41.35
N ALA D 1 -7.69 -54.01 -18.65
CA ALA D 1 -7.98 -53.00 -17.64
C ALA D 1 -8.32 -53.66 -16.32
N LEU D 2 -9.45 -53.26 -15.75
CA LEU D 2 -9.89 -53.77 -14.47
C LEU D 2 -10.90 -54.86 -14.72
N THR D 3 -11.02 -55.79 -13.82
CA THR D 3 -11.99 -56.83 -14.08
C THR D 3 -12.84 -57.34 -12.94
N GLN D 4 -14.05 -57.76 -13.34
CA GLN D 4 -15.10 -58.35 -12.50
C GLN D 4 -16.31 -58.71 -13.37
N PRO D 5 -16.27 -59.80 -14.17
CA PRO D 5 -17.35 -60.24 -15.06
C PRO D 5 -18.68 -60.87 -14.56
N PRO D 6 -18.79 -61.47 -13.36
CA PRO D 6 -19.99 -62.14 -12.93
C PRO D 6 -21.01 -61.14 -12.48
N SER D 7 -22.25 -61.58 -12.41
CA SER D 7 -23.30 -60.81 -11.77
C SER D 7 -23.17 -61.00 -10.28
N VAL D 8 -23.86 -60.18 -9.54
CA VAL D 8 -23.88 -60.24 -8.08
C VAL D 8 -25.30 -60.25 -7.59
N SER D 9 -25.60 -60.99 -6.52
CA SER D 9 -26.96 -61.02 -6.03
C SER D 9 -27.10 -61.33 -4.55
N GLY D 10 -28.31 -61.05 -4.06
CA GLY D 10 -28.71 -61.38 -2.69
C GLY D 10 -30.10 -60.85 -2.40
N SER D 11 -30.70 -61.29 -1.31
CA SER D 11 -32.05 -60.88 -0.92
C SER D 11 -32.02 -59.56 -0.19
N PRO D 12 -33.12 -58.80 -0.14
CA PRO D 12 -33.16 -57.56 0.59
C PRO D 12 -32.74 -57.81 2.01
N GLY D 13 -31.92 -56.93 2.51
CA GLY D 13 -31.39 -57.02 3.86
C GLY D 13 -30.06 -57.76 3.93
N GLN D 14 -29.66 -58.46 2.87
CA GLN D 14 -28.40 -59.17 2.88
C GLN D 14 -27.36 -58.27 2.26
N SER D 15 -26.12 -58.34 2.73
CA SER D 15 -25.09 -57.54 2.09
C SER D 15 -24.55 -58.27 0.88
N VAL D 16 -23.97 -57.51 -0.03
CA VAL D 16 -23.27 -58.08 -1.18
C VAL D 16 -21.94 -57.39 -1.37
N THR D 17 -20.99 -58.09 -1.98
CA THR D 17 -19.72 -57.46 -2.27
C THR D 17 -19.35 -57.57 -3.73
N ILE D 18 -18.93 -56.46 -4.29
CA ILE D 18 -18.49 -56.39 -5.66
C ILE D 18 -16.99 -56.11 -5.71
N SER D 19 -16.24 -56.99 -6.34
CA SER D 19 -14.80 -56.80 -6.42
C SER D 19 -14.40 -56.08 -7.71
N CYS D 20 -13.15 -55.62 -7.75
CA CYS D 20 -12.53 -54.98 -8.90
C CYS D 20 -11.04 -55.19 -8.92
N THR D 21 -10.56 -56.05 -9.81
CA THR D 21 -9.14 -56.41 -9.80
C THR D 21 -8.36 -55.75 -10.92
N GLY D 22 -7.23 -55.16 -10.59
CA GLY D 22 -6.34 -54.54 -11.57
C GLY D 22 -4.93 -55.05 -11.40
N THR D 23 -3.96 -54.21 -11.73
CA THR D 23 -2.54 -54.54 -11.61
C THR D 23 -1.80 -53.62 -10.69
N SER D 24 -0.52 -53.87 -10.51
CA SER D 24 0.26 -53.07 -9.58
C SER D 24 0.50 -51.65 -10.04
N SER D 25 0.90 -51.48 -11.30
CA SER D 25 1.15 -50.13 -11.84
C SER D 25 -0.14 -49.55 -12.38
N ASP D 26 -1.10 -49.49 -11.49
CA ASP D 26 -2.45 -49.05 -11.73
C ASP D 26 -3.22 -48.86 -10.43
N ILE D 27 -4.07 -49.83 -10.13
CA ILE D 27 -4.92 -49.83 -8.97
C ILE D 27 -4.15 -50.06 -7.69
N GLY D 28 -3.09 -50.87 -7.75
CA GLY D 28 -2.31 -51.12 -6.57
C GLY D 28 -1.70 -49.84 -6.00
N SER D 29 -0.87 -49.18 -6.83
CA SER D 29 -0.17 -47.95 -6.46
C SER D 29 -0.97 -46.64 -6.33
N TYR D 30 -2.08 -46.46 -7.03
CA TYR D 30 -2.81 -45.20 -6.87
C TYR D 30 -4.11 -45.35 -6.09
N ASN D 31 -4.26 -44.60 -5.02
CA ASN D 31 -5.49 -44.72 -4.23
C ASN D 31 -6.60 -43.83 -4.77
N TYR D 32 -6.96 -44.05 -6.01
CA TYR D 32 -7.97 -43.29 -6.69
C TYR D 32 -8.88 -44.23 -7.43
N VAL D 33 -9.78 -44.88 -6.71
CA VAL D 33 -10.63 -45.89 -7.30
C VAL D 33 -12.08 -45.59 -7.01
N SER D 34 -12.71 -44.88 -7.92
CA SER D 34 -14.10 -44.54 -7.73
C SER D 34 -15.01 -45.66 -8.21
N TRP D 35 -16.25 -45.62 -7.77
CA TRP D 35 -17.29 -46.54 -8.21
C TRP D 35 -18.51 -45.78 -8.68
N TYR D 36 -19.12 -46.28 -9.75
CA TYR D 36 -20.30 -45.66 -10.32
C TYR D 36 -21.48 -46.61 -10.44
N GLN D 37 -22.66 -46.06 -10.26
CA GLN D 37 -23.92 -46.80 -10.36
C GLN D 37 -24.69 -46.40 -11.60
N GLN D 38 -25.16 -47.36 -12.38
CA GLN D 38 -25.94 -46.98 -13.54
C GLN D 38 -27.18 -47.84 -13.78
N HIS D 39 -28.34 -47.20 -13.79
CA HIS D 39 -29.55 -47.94 -14.12
C HIS D 39 -29.62 -47.88 -15.63
N PRO D 40 -30.08 -48.91 -16.34
CA PRO D 40 -30.15 -48.88 -17.77
C PRO D 40 -30.94 -47.68 -18.26
N GLY D 41 -30.41 -47.02 -19.27
CA GLY D 41 -31.06 -45.85 -19.86
C GLY D 41 -30.69 -44.53 -19.20
N LYS D 42 -29.97 -44.59 -18.09
CA LYS D 42 -29.59 -43.39 -17.36
C LYS D 42 -28.10 -43.17 -17.35
N ALA D 43 -27.69 -41.94 -17.08
CA ALA D 43 -26.29 -41.63 -16.95
C ALA D 43 -25.79 -42.20 -15.63
N PRO D 44 -24.52 -42.57 -15.48
CA PRO D 44 -23.92 -43.06 -14.26
C PRO D 44 -23.94 -42.03 -13.15
N LYS D 45 -23.96 -42.50 -11.92
CA LYS D 45 -23.87 -41.68 -10.73
C LYS D 45 -22.65 -42.07 -9.91
N LEU D 46 -21.97 -41.10 -9.31
CA LEU D 46 -20.83 -41.42 -8.46
C LEU D 46 -21.26 -41.90 -7.11
N MET D 47 -20.75 -43.06 -6.68
CA MET D 47 -21.14 -43.57 -5.38
C MET D 47 -19.99 -43.49 -4.38
N ILE D 48 -18.80 -43.86 -4.85
CA ILE D 48 -17.60 -43.86 -4.02
C ILE D 48 -16.48 -43.18 -4.79
N TYR D 49 -15.67 -42.37 -4.11
CA TYR D 49 -14.55 -41.71 -4.76
C TYR D 49 -13.31 -41.87 -3.93
N ASP D 50 -12.15 -41.69 -4.54
CA ASP D 50 -10.90 -41.95 -3.85
C ASP D 50 -10.99 -43.39 -3.45
N VAL D 51 -11.06 -43.74 -2.18
CA VAL D 51 -11.16 -45.18 -1.96
C VAL D 51 -12.37 -45.53 -1.14
N THR D 52 -12.57 -44.79 -0.07
CA THR D 52 -13.57 -45.11 0.91
C THR D 52 -14.66 -44.06 1.04
N GLN D 53 -14.41 -42.87 0.53
CA GLN D 53 -15.29 -41.72 0.69
C GLN D 53 -16.50 -41.78 -0.20
N ARG D 54 -17.60 -41.19 0.26
CA ARG D 54 -18.77 -41.13 -0.60
C ARG D 54 -19.14 -39.66 -0.75
N PRO D 55 -19.78 -39.24 -1.84
CA PRO D 55 -20.31 -37.93 -2.07
C PRO D 55 -21.47 -37.62 -1.17
N SER D 56 -21.69 -36.35 -0.89
CA SER D 56 -22.88 -36.01 -0.16
C SER D 56 -24.04 -36.42 -1.04
N GLY D 57 -25.09 -36.96 -0.45
CA GLY D 57 -26.26 -37.41 -1.19
C GLY D 57 -26.25 -38.92 -1.38
N VAL D 58 -25.11 -39.54 -1.09
CA VAL D 58 -24.98 -40.98 -1.16
C VAL D 58 -25.13 -41.53 0.23
N SER D 59 -25.98 -42.53 0.35
CA SER D 59 -26.28 -43.15 1.61
C SER D 59 -25.14 -43.99 2.13
N ASP D 60 -25.21 -44.31 3.41
CA ASP D 60 -24.16 -45.05 4.10
C ASP D 60 -24.28 -46.54 3.97
N ARG D 61 -25.19 -46.95 3.11
CA ARG D 61 -25.33 -48.34 2.77
C ARG D 61 -24.19 -48.71 1.82
N PHE D 62 -23.54 -47.68 1.25
CA PHE D 62 -22.45 -47.89 0.32
C PHE D 62 -21.11 -47.49 0.93
N SER D 63 -20.16 -48.43 0.92
CA SER D 63 -18.82 -48.21 1.46
C SER D 63 -17.83 -49.06 0.69
N GLY D 64 -16.54 -48.83 0.86
CA GLY D 64 -15.58 -49.65 0.12
C GLY D 64 -14.16 -49.52 0.65
N SER D 65 -13.27 -50.30 0.07
CA SER D 65 -11.87 -50.37 0.46
C SER D 65 -11.02 -51.04 -0.60
N LYS D 66 -9.71 -51.07 -0.40
CA LYS D 66 -8.83 -51.80 -1.30
C LYS D 66 -7.72 -52.50 -0.54
N SER D 67 -7.22 -53.60 -1.12
CA SER D 67 -6.09 -54.34 -0.60
C SER D 67 -5.30 -54.94 -1.74
N GLY D 68 -3.99 -54.79 -1.73
CA GLY D 68 -3.20 -55.32 -2.82
C GLY D 68 -3.64 -54.64 -4.10
N ASN D 69 -3.95 -55.42 -5.13
CA ASN D 69 -4.37 -54.84 -6.40
C ASN D 69 -5.88 -54.99 -6.59
N THR D 70 -6.60 -55.29 -5.51
CA THR D 70 -8.04 -55.48 -5.65
C THR D 70 -8.84 -54.51 -4.79
N ALA D 71 -9.81 -53.88 -5.43
CA ALA D 71 -10.70 -52.98 -4.74
C ALA D 71 -12.05 -53.64 -4.59
N SER D 72 -12.83 -53.18 -3.63
CA SER D 72 -14.18 -53.69 -3.52
C SER D 72 -15.18 -52.67 -3.00
N LEU D 73 -16.41 -52.89 -3.44
CA LEU D 73 -17.58 -52.13 -3.03
C LEU D 73 -18.52 -52.99 -2.22
N THR D 74 -18.90 -52.50 -1.08
CA THR D 74 -19.82 -53.21 -0.21
C THR D 74 -21.15 -52.50 -0.12
N ILE D 75 -22.21 -53.27 -0.32
CA ILE D 75 -23.54 -52.74 -0.15
C ILE D 75 -24.13 -53.49 1.04
N SER D 76 -24.60 -52.77 2.05
CA SER D 76 -25.11 -53.44 3.26
C SER D 76 -26.59 -53.78 3.21
N GLY D 77 -27.44 -52.89 3.69
CA GLY D 77 -28.87 -53.18 3.71
C GLY D 77 -29.46 -53.12 2.30
N LEU D 78 -29.21 -54.17 1.54
CA LEU D 78 -29.58 -54.24 0.14
C LEU D 78 -31.05 -54.00 -0.07
N GLN D 79 -31.33 -53.10 -1.01
CA GLN D 79 -32.67 -52.72 -1.39
C GLN D 79 -32.96 -53.13 -2.81
N ALA D 80 -34.24 -53.22 -3.16
CA ALA D 80 -34.64 -53.50 -4.54
C ALA D 80 -34.24 -52.34 -5.47
N ASP D 81 -34.00 -51.19 -4.87
CA ASP D 81 -33.66 -49.99 -5.60
C ASP D 81 -32.18 -49.96 -5.94
N ASP D 82 -31.45 -51.00 -5.56
CA ASP D 82 -30.04 -51.07 -5.87
C ASP D 82 -29.85 -51.81 -7.18
N GLU D 83 -30.95 -52.19 -7.86
CA GLU D 83 -30.78 -52.91 -9.11
C GLU D 83 -30.31 -51.99 -10.23
N ALA D 84 -29.00 -52.00 -10.37
CA ALA D 84 -28.19 -51.18 -11.26
C ALA D 84 -26.90 -51.90 -11.62
N ASP D 85 -26.25 -51.46 -12.69
CA ASP D 85 -24.94 -51.97 -13.00
C ASP D 85 -23.92 -51.20 -12.19
N TYR D 86 -22.88 -51.87 -11.72
CA TYR D 86 -21.86 -51.13 -11.01
C TYR D 86 -20.53 -51.25 -11.69
N TYR D 87 -19.84 -50.12 -11.75
CA TYR D 87 -18.53 -50.05 -12.38
C TYR D 87 -17.48 -49.52 -11.46
N CYS D 88 -16.28 -50.03 -11.61
CA CYS D 88 -15.13 -49.48 -10.92
C CYS D 88 -14.25 -48.85 -11.95
N SER D 89 -13.50 -47.85 -11.52
CA SER D 89 -12.53 -47.21 -12.38
C SER D 89 -11.33 -46.87 -11.55
N ALA D 90 -10.26 -46.52 -12.22
CA ALA D 90 -9.10 -46.13 -11.46
C ALA D 90 -8.22 -45.19 -12.23
N TYR D 91 -7.51 -44.37 -11.49
CA TYR D 91 -6.51 -43.52 -12.11
C TYR D 91 -5.35 -44.42 -12.34
N ALA D 92 -4.88 -44.49 -13.56
CA ALA D 92 -3.83 -45.43 -13.89
C ALA D 92 -2.52 -44.74 -14.13
N GLY D 93 -2.43 -43.50 -13.72
CA GLY D 93 -1.22 -42.72 -13.89
C GLY D 93 -1.37 -41.73 -15.03
N ARG D 94 -0.29 -41.05 -15.36
CA ARG D 94 -0.31 -40.08 -16.44
C ARG D 94 -0.19 -40.94 -17.67
N GLN D 95 -0.49 -40.38 -18.84
CA GLN D 95 -0.41 -41.11 -20.13
C GLN D 95 -1.65 -41.98 -20.29
N THR D 96 -1.83 -42.93 -19.40
CA THR D 96 -3.07 -43.70 -19.37
C THR D 96 -3.85 -43.17 -18.22
N PHE D 97 -4.77 -42.27 -18.48
CA PHE D 97 -5.40 -41.64 -17.34
C PHE D 97 -6.40 -42.50 -16.66
N TYR D 98 -7.39 -42.96 -17.38
CA TYR D 98 -8.39 -43.74 -16.71
C TYR D 98 -8.71 -44.99 -17.39
N ILE D 99 -8.99 -45.97 -16.58
CA ILE D 99 -9.49 -47.20 -17.10
C ILE D 99 -10.72 -47.56 -16.32
N PHE D 100 -11.59 -48.36 -16.93
CA PHE D 100 -12.79 -48.85 -16.27
C PHE D 100 -12.87 -50.35 -16.41
N GLY D 101 -13.52 -51.00 -15.46
CA GLY D 101 -13.76 -52.42 -15.59
C GLY D 101 -15.11 -52.65 -16.26
N GLY D 102 -15.49 -53.90 -16.46
CA GLY D 102 -16.80 -54.16 -17.03
C GLY D 102 -17.76 -53.96 -15.90
N GLY D 103 -19.02 -53.67 -16.20
CA GLY D 103 -19.94 -53.50 -15.09
C GLY D 103 -20.50 -54.82 -14.64
N THR D 104 -20.97 -54.86 -13.40
CA THR D 104 -21.62 -56.04 -12.87
C THR D 104 -23.06 -55.72 -12.59
N ARG D 105 -23.96 -56.61 -12.96
CA ARG D 105 -25.37 -56.40 -12.68
C ARG D 105 -25.76 -56.92 -11.32
N LEU D 106 -26.35 -56.06 -10.49
CA LEU D 106 -26.81 -56.49 -9.17
C LEU D 106 -28.27 -56.83 -9.17
N THR D 107 -28.56 -58.08 -8.84
CA THR D 107 -29.91 -58.60 -8.81
C THR D 107 -30.36 -58.82 -7.38
N VAL D 108 -31.50 -58.26 -7.08
CA VAL D 108 -32.03 -58.36 -5.74
C VAL D 108 -33.07 -59.46 -5.72
N LEU D 109 -32.94 -60.36 -4.76
CA LEU D 109 -33.76 -61.55 -4.65
C LEU D 109 -34.77 -61.45 -3.52
C1 NAG E . 18.30 59.33 10.46
C2 NAG E . 17.21 60.15 9.84
C3 NAG E . 17.78 60.81 8.66
C4 NAG E . 18.99 61.73 9.02
C5 NAG E . 20.06 60.79 9.68
C6 NAG E . 21.30 61.49 10.16
C7 NAG E . 14.99 59.19 9.98
C8 NAG E . 14.03 58.22 9.39
N2 NAG E . 16.15 59.27 9.39
O3 NAG E . 16.72 61.55 8.01
O4 NAG E . 19.50 62.24 7.81
O5 NAG E . 19.51 60.19 10.84
O6 NAG E . 21.00 62.55 11.06
O7 NAG E . 14.72 59.88 10.97
C1 NAG E . 19.73 63.63 7.83
C2 NAG E . 20.61 63.93 6.67
C3 NAG E . 20.92 65.36 6.61
C4 NAG E . 19.56 66.14 6.49
C5 NAG E . 18.67 65.82 7.72
C6 NAG E . 17.34 66.53 7.63
C7 NAG E . 22.26 62.27 5.98
C8 NAG E . 23.51 61.54 6.34
N2 NAG E . 21.84 63.18 6.84
O3 NAG E . 21.80 65.62 5.50
O4 NAG E . 19.84 67.50 6.43
O5 NAG E . 18.41 64.42 7.73
O6 NAG E . 17.53 67.93 7.49
O7 NAG E . 21.63 62.04 4.94
C1 NAG F . 23.75 38.69 25.29
C2 NAG F . 23.73 37.76 26.45
C3 NAG F . 22.35 37.56 26.91
C4 NAG F . 21.75 38.93 27.37
C5 NAG F . 21.78 39.86 26.11
C6 NAG F . 21.23 41.24 26.35
C7 NAG F . 25.40 36.04 26.47
C8 NAG F . 25.84 34.75 25.87
N2 NAG F . 24.26 36.50 26.02
O3 NAG F . 22.34 36.59 27.98
O4 NAG F . 20.42 38.73 27.79
O5 NAG F . 23.13 40.04 25.69
O6 NAG F . 21.80 41.87 27.48
O7 NAG F . 26.06 36.64 27.33
C1 NAG F . 20.18 39.23 29.09
C2 NAG F . 18.71 39.31 29.27
C3 NAG F . 18.39 39.83 30.60
C4 NAG F . 19.02 38.88 31.67
C5 NAG F . 20.56 38.82 31.46
C6 NAG F . 21.21 37.89 32.45
C7 NAG F . 17.30 39.82 27.37
C8 NAG F . 16.88 40.84 26.37
N2 NAG F . 18.17 40.20 28.27
O3 NAG F . 16.96 39.96 30.76
O4 NAG F . 18.72 39.36 32.94
O5 NAG F . 20.82 38.30 30.15
O6 NAG F . 20.84 38.20 33.77
O7 NAG F . 16.86 38.67 27.34
C1 NAG G . -0.09 31.43 1.28
C2 NAG G . 1.22 32.13 1.47
C3 NAG G . 1.14 33.44 0.80
C4 NAG G . 0.90 33.31 -0.74
C5 NAG G . -0.45 32.55 -0.85
C6 NAG G . -0.89 32.25 -2.25
C7 NAG G . 2.59 32.11 3.48
C8 NAG G . 2.70 32.50 4.91
N2 NAG G . 1.46 32.38 2.88
O3 NAG G . 2.36 34.16 1.06
O4 NAG G . 0.79 34.61 -1.29
O5 NAG G . -0.39 31.29 -0.21
O6 NAG G . 0.02 31.46 -2.97
O7 NAG G . 3.52 31.57 2.91
C1 NAG G . 1.69 34.88 -2.35
C2 NAG G . 1.08 35.92 -3.23
C3 NAG G . 1.99 36.22 -4.33
C4 NAG G . 3.33 36.80 -3.79
C5 NAG G . 3.94 35.72 -2.86
C6 NAG G . 5.18 36.22 -2.18
C7 NAG G . -1.23 36.20 -3.81
C8 NAG G . -2.45 35.60 -4.43
N2 NAG G . -0.15 35.45 -3.79
O3 NAG G . 1.33 37.14 -5.23
O4 NAG G . 4.18 36.98 -4.90
O5 NAG G . 3.02 35.42 -1.81
O6 NAG G . 4.87 37.16 -1.15
O7 NAG G . -1.23 37.34 -3.36
C1 BMA G . 4.60 38.37 -5.09
C2 BMA G . 5.85 38.36 -5.97
C3 BMA G . 6.38 39.72 -6.20
C4 BMA G . 5.26 40.48 -6.90
C5 BMA G . 3.98 40.50 -6.00
C6 BMA G . 2.80 41.22 -6.74
O2 BMA G . 5.50 37.83 -7.15
O3 BMA G . 7.57 39.63 -7.05
O4 BMA G . 5.66 41.79 -7.13
O5 BMA G . 3.58 39.15 -5.77
O6 BMA G . 3.13 42.53 -7.32
C1 MAN G . 8.69 40.43 -6.52
C2 MAN G . 9.67 40.74 -7.66
C3 MAN G . 10.36 39.53 -8.18
C4 MAN G . 11.11 38.92 -7.01
C5 MAN G . 10.09 38.57 -5.90
C6 MAN G . 10.86 37.92 -4.68
O2 MAN G . 10.61 41.57 -7.16
O3 MAN G . 11.28 39.91 -9.24
O4 MAN G . 11.81 37.79 -7.40
O5 MAN G . 9.43 39.77 -5.46
O6 MAN G . 12.08 37.21 -5.09
C1 NAG H . -1.05 41.66 22.74
C2 NAG H . -0.01 42.24 23.63
C3 NAG H . -0.61 42.47 24.95
C4 NAG H . -1.83 43.45 24.88
C5 NAG H . -2.83 42.81 23.89
C6 NAG H . -4.02 43.70 23.65
C7 NAG H . 2.32 41.64 23.64
C8 NAG H . 3.32 40.54 23.78
N2 NAG H . 1.07 41.31 23.78
O3 NAG H . 0.43 42.98 25.81
O4 NAG H . -2.49 43.48 26.11
O5 NAG H . -2.25 42.61 22.61
O6 NAG H . -4.18 44.02 22.29
O7 NAG H . 2.65 42.81 23.38
C1 NAG H . -2.19 44.55 26.98
C2 NAG H . -3.37 44.69 27.89
C3 NAG H . -3.12 45.72 28.91
C4 NAG H . -1.88 45.24 29.75
C5 NAG H . -0.62 45.13 28.84
C6 NAG H . 0.55 44.54 29.59
C7 NAG H . -5.59 44.25 27.01
C8 NAG H . -6.72 44.69 26.14
N2 NAG H . -4.54 45.04 27.11
O3 NAG H . -4.30 45.89 29.73
O4 NAG H . -1.63 46.15 30.78
O5 NAG H . -0.95 44.18 27.83
O6 NAG H . 0.46 44.80 30.99
O7 NAG H . -5.62 43.18 27.61
C1 NAG I . -7.84 29.00 0.53
C2 NAG I . -6.94 29.06 -0.67
C3 NAG I . -7.75 29.14 -1.89
C4 NAG I . -8.64 27.85 -2.03
C5 NAG I . -9.55 27.80 -0.76
C6 NAG I . -10.41 26.57 -0.63
C7 NAG I . -4.81 30.13 -0.56
C8 NAG I . -4.07 31.41 -0.33
N2 NAG I . -6.10 30.23 -0.58
O3 NAG I . -6.88 29.31 -3.03
O4 NAG I . -9.40 27.99 -3.22
O5 NAG I . -8.72 27.75 0.39
O6 NAG I . -9.64 25.38 -0.66
O7 NAG I . -4.21 29.06 -0.71
C1 NAG I . -9.48 26.79 -3.97
C2 NAG I . -10.67 26.93 -4.87
C3 NAG I . -10.84 25.68 -5.63
C4 NAG I . -9.55 25.43 -6.49
C5 NAG I . -8.34 25.32 -5.53
C6 NAG I . -7.05 25.09 -6.30
C7 NAG I . -12.48 28.29 -4.01
C8 NAG I . -13.67 28.37 -3.12
N2 NAG I . -11.86 27.14 -4.07
O3 NAG I . -12.03 25.81 -6.45
O4 NAG I . -9.71 24.24 -7.20
O5 NAG I . -8.21 26.54 -4.81
O6 NAG I . -7.19 24.06 -7.26
O7 NAG I . -12.09 29.26 -4.67
C1 NAG J . -12.34 -7.97 -1.85
C2 NAG J . -11.85 -8.62 -3.12
C3 NAG J . -13.01 -8.91 -3.98
C4 NAG J . -13.94 -9.91 -3.20
C5 NAG J . -14.43 -9.26 -1.89
C6 NAG J . -15.27 -10.20 -1.07
C7 NAG J . -10.09 -8.14 -4.72
C8 NAG J . -9.12 -7.15 -5.28
N2 NAG J . -10.91 -7.72 -3.78
O3 NAG J . -12.61 -9.44 -5.27
O4 NAG J . -15.03 -10.24 -4.00
O5 NAG J . -13.29 -8.94 -1.10
O6 NAG J . -15.88 -11.20 -1.87
O7 NAG J . -10.15 -9.30 -5.12
C1 NAG K . 13.34 56.50 22.49
C2 NAG K . 13.51 57.72 23.37
C3 NAG K . 13.85 57.29 24.73
C4 NAG K . 12.68 56.41 25.27
C5 NAG K . 12.51 55.18 24.34
C6 NAG K . 11.41 54.27 24.81
C7 NAG K . 14.40 59.73 22.32
C8 NAG K . 15.61 60.42 21.74
N2 NAG K . 14.60 58.54 22.87
O3 NAG K . 14.09 58.46 25.55
O4 NAG K . 12.99 55.98 26.56
O5 NAG K . 12.19 55.62 23.02
O6 NAG K . 11.59 53.92 26.18
O7 NAG K . 13.28 60.25 22.30
C1 NAG L . 5.85 63.74 7.12
C2 NAG L . 7.16 64.47 7.22
C3 NAG L . 7.14 65.68 6.37
C4 NAG L . 6.90 65.24 4.89
C5 NAG L . 5.53 64.50 4.80
C6 NAG L . 5.26 64.01 3.41
C7 NAG L . 8.62 64.94 9.10
C8 NAG L . 8.73 65.36 10.51
N2 NAG L . 7.41 64.89 8.60
O3 NAG L . 8.37 66.42 6.52
O4 NAG L . 6.90 66.36 4.07
O5 NAG L . 5.58 63.36 5.65
O6 NAG L . 5.92 64.79 2.42
O7 NAG L . 9.59 64.65 8.40
C1 NAG M . 33.67 57.03 13.54
C2 NAG M . 32.83 57.23 14.76
C3 NAG M . 33.01 58.57 15.30
C4 NAG M . 34.51 58.78 15.67
C5 NAG M . 35.34 58.60 14.37
C6 NAG M . 36.81 58.81 14.62
C7 NAG M . 30.55 56.50 15.07
C8 NAG M . 29.16 56.53 14.56
N2 NAG M . 31.44 57.14 14.36
O3 NAG M . 32.15 58.73 16.45
O4 NAG M . 34.69 60.05 16.19
O5 NAG M . 35.15 57.27 13.89
O6 NAG M . 37.05 59.99 15.37
O7 NAG M . 30.89 55.91 16.09
C1 NAG N . -8.29 7.51 17.43
C2 NAG N . -8.47 7.76 18.88
C3 NAG N . -7.94 6.60 19.61
C4 NAG N . -8.74 5.33 19.16
C5 NAG N . -8.55 5.14 17.62
C6 NAG N . -9.27 3.94 17.10
C7 NAG N . -8.34 9.91 19.97
C8 NAG N . -7.55 11.16 20.23
N2 NAG N . -7.77 8.98 19.26
O3 NAG N . -8.04 6.83 21.04
O4 NAG N . -8.24 4.22 19.84
O5 NAG N . -9.06 6.28 16.95
O6 NAG N . -9.11 2.82 17.94
O7 NAG N . -9.47 9.74 20.42
C1 NAG O . -2.44 9.26 28.26
C2 NAG O . -1.70 8.02 28.61
C3 NAG O . -2.12 7.54 29.94
C4 NAG O . -1.82 8.66 30.98
C5 NAG O . -2.62 9.94 30.63
C6 NAG O . -2.33 11.10 31.53
C7 NAG O . -1.14 6.09 27.28
C8 NAG O . -1.59 5.11 26.26
N2 NAG O . -2.01 7.01 27.63
O3 NAG O . -1.42 6.32 30.25
O4 NAG O . -2.19 8.22 32.25
O5 NAG O . -2.19 10.32 29.33
O6 NAG O . -1.75 10.68 32.75
O7 NAG O . -0.01 6.06 27.77
C1 NAG P . -8.59 40.24 2.25
C2 NAG P . -9.89 40.57 2.92
C3 NAG P . -11.00 40.17 2.06
C4 NAG P . -10.90 40.96 0.72
C5 NAG P . -9.55 40.60 0.04
C6 NAG P . -9.36 41.35 -1.25
C7 NAG P . -10.11 40.45 5.30
C8 NAG P . -10.18 39.59 6.52
N2 NAG P . -9.99 39.83 4.16
O3 NAG P . -12.25 40.42 2.75
O4 NAG P . -11.97 40.60 -0.11
O5 NAG P . -8.49 40.98 0.91
O6 NAG P . -10.59 41.61 -1.91
O7 NAG P . -10.18 41.68 5.34
C1 NAG Q . 6.77 54.17 -2.61
C2 NAG Q . 5.47 54.64 -3.19
C3 NAG Q . 5.51 54.48 -4.64
C4 NAG Q . 6.69 55.33 -5.19
C5 NAG Q . 8.02 54.84 -4.56
C6 NAG Q . 9.19 55.66 -5.02
C7 NAG Q . 3.46 54.31 -1.87
C8 NAG Q . 2.48 53.33 -1.32
N2 NAG Q . 4.40 53.82 -2.65
O3 NAG Q . 4.24 54.87 -5.21
O4 NAG Q . 6.75 55.19 -6.57
O5 NAG Q . 7.95 55.00 -3.15
O6 NAG Q . 9.04 56.09 -6.36
O7 NAG Q . 3.40 55.51 -1.64
C1 NAG R . -7.67 45.95 8.51
C2 NAG R . -7.21 46.44 7.17
C3 NAG R . -6.98 47.88 7.20
C4 NAG R . -8.29 48.60 7.61
C5 NAG R . -8.72 48.08 9.01
C6 NAG R . -10.00 48.72 9.47
C7 NAG R . -5.84 44.91 5.88
C8 NAG R . -4.55 44.18 5.73
N2 NAG R . -5.95 45.78 6.86
O3 NAG R . -6.52 48.31 5.89
O4 NAG R . -8.08 49.97 7.63
O5 NAG R . -8.95 46.68 8.93
O6 NAG R . -10.07 50.08 9.05
O7 NAG R . -6.80 44.71 5.14
C1 NAG S . -19.89 33.88 18.41
C2 NAG S . -20.63 35.18 18.46
C3 NAG S . -21.18 35.39 19.80
C4 NAG S . -22.18 34.21 20.10
C5 NAG S . -21.40 32.88 20.03
C6 NAG S . -22.29 31.70 20.33
C7 NAG S . -19.89 36.97 17.02
C8 NAG S . -18.86 38.01 16.74
N2 NAG S . -19.74 36.27 18.13
O3 NAG S . -21.83 36.68 19.87
O4 NAG S . -22.74 34.35 21.37
O5 NAG S . -20.86 32.71 18.71
O6 NAG S . -23.05 31.93 21.50
O7 NAG S . -20.84 36.75 16.26
C1 NAG T . -23.11 14.53 24.59
C2 NAG T . -24.28 14.29 25.54
C3 NAG T . -24.64 12.87 25.50
C4 NAG T . -25.05 12.51 24.04
C5 NAG T . -23.85 12.78 23.08
C6 NAG T . -24.20 12.49 21.64
C7 NAG T . -24.34 15.75 27.49
C8 NAG T . -23.76 16.09 28.84
N2 NAG T . -23.91 14.65 26.91
O3 NAG T . -25.72 12.64 26.45
O4 NAG T . -25.41 11.17 23.98
O5 NAG T . -23.50 14.15 23.15
O6 NAG T . -24.92 11.27 21.49
O7 NAG T . -25.20 16.46 26.96
C1 NAG U . -2.32 37.39 27.36
C2 NAG U . -1.06 38.13 27.10
C3 NAG U . -0.57 38.73 28.35
C4 NAG U . -1.66 39.72 28.87
C5 NAG U . -2.96 38.93 29.11
C6 NAG U . -4.06 39.84 29.59
C7 NAG U . 0.75 37.66 25.64
C8 NAG U . 1.81 36.74 25.14
N2 NAG U . -0.05 37.24 26.57
O3 NAG U . 0.69 39.38 28.13
O4 NAG U . -1.22 40.29 30.06
O5 NAG U . -3.41 38.35 27.90
O6 NAG U . -3.63 40.61 30.70
O7 NAG U . 0.60 38.80 25.19
C1 NAG V . -11.09 39.85 25.83
C2 NAG V . -10.55 41.12 25.23
C3 NAG V . -10.84 42.27 26.10
C4 NAG V . -12.39 42.37 26.26
C5 NAG V . -12.92 41.05 26.90
C6 NAG V . -14.41 41.08 27.08
C7 NAG V . -8.49 41.24 23.95
C8 NAG V . -7.01 41.01 23.94
N2 NAG V . -9.11 41.00 25.09
O3 NAG V . -10.28 43.46 25.51
O4 NAG V . -12.69 43.45 27.08
O5 NAG V . -12.61 39.97 26.02
O6 NAG V . -14.85 42.32 27.59
O7 NAG V . -9.11 41.64 22.96
C1 NAG W . 8.10 -31.67 11.18
C2 NAG W . 9.29 -32.60 11.05
C3 NAG W . 9.68 -33.19 12.38
C4 NAG W . 9.88 -32.09 13.41
C5 NAG W . 8.66 -31.19 13.48
C6 NAG W . 8.92 -30.00 14.40
C7 NAG W . 9.91 -34.35 9.47
C8 NAG W . 9.42 -35.55 8.72
N2 NAG W . 8.97 -33.67 10.13
O3 NAG W . 10.91 -33.90 12.22
O4 NAG W . 10.08 -32.67 14.70
O5 NAG W . 8.33 -30.69 12.18
O6 NAG W . 9.62 -28.97 13.70
O7 NAG W . 11.08 -34.02 9.49
C1 NAG X . -10.85 -27.89 4.39
C2 NAG X . -11.99 -28.89 4.23
C3 NAG X . -13.32 -28.15 4.32
C4 NAG X . -13.36 -27.40 5.64
C5 NAG X . -12.17 -26.46 5.74
C6 NAG X . -12.19 -25.71 7.07
C7 NAG X . -12.77 -30.41 2.52
C8 NAG X . -12.28 -31.80 2.24
N2 NAG X . -11.85 -29.56 2.96
O3 NAG X . -14.40 -29.07 4.23
O4 NAG X . -14.56 -26.63 5.71
O5 NAG X . -10.95 -27.20 5.64
O6 NAG X . -11.67 -26.57 8.11
O7 NAG X . -13.93 -30.09 2.37
C1 NAG Y . -13.92 -18.82 2.87
C2 NAG Y . -14.73 -18.66 4.14
C3 NAG Y . -16.09 -19.30 3.94
C4 NAG Y . -16.77 -18.67 2.73
C5 NAG Y . -15.87 -18.82 1.50
C6 NAG Y . -16.50 -18.16 0.29
C7 NAG Y . -13.35 -18.52 6.13
C8 NAG Y . -13.01 -19.19 7.43
N2 NAG Y . -14.04 -19.25 5.27
O3 NAG Y . -16.90 -19.09 5.11
O4 NAG Y . -18.02 -19.30 2.49
O5 NAG Y . -14.59 -18.23 1.76
O6 NAG Y . -17.92 -18.16 0.42
O7 NAG Y . -13.02 -17.38 5.88
C1 NAG Z . 5.70 -17.48 16.61
C2 NAG Z . 4.26 -17.83 16.89
C3 NAG Z . 3.61 -16.75 17.74
C4 NAG Z . 4.44 -16.55 18.99
C5 NAG Z . 5.88 -16.23 18.64
C6 NAG Z . 6.73 -16.10 19.90
C7 NAG Z . 2.94 -19.13 15.31
C8 NAG Z . 1.72 -19.00 14.45
N2 NAG Z . 3.53 -17.98 15.65
O3 NAG Z . 2.29 -17.16 18.08
O4 NAG Z . 3.90 -15.45 19.75
O5 NAG Z . 6.43 -17.27 17.83
O6 NAG Z . 6.00 -15.33 20.86
O7 NAG Z . 3.36 -20.21 15.67
#